data_5NKQ
#
_entry.id   5NKQ
#
_cell.length_a   40.590
_cell.length_b   84.060
_cell.length_c   85.960
_cell.angle_alpha   109.41
_cell.angle_beta   101.40
_cell.angle_gamma   101.37
#
_symmetry.space_group_name_H-M   'P 1'
#
loop_
_entity.id
_entity.type
_entity.pdbx_description
1 polymer 'Putative fluoride ion transporter CrcB'
2 polymer Monobody
3 non-polymer 'SODIUM ION'
4 non-polymer 'FLUORIDE ION'
5 water water
#
loop_
_entity_poly.entity_id
_entity_poly.type
_entity_poly.pdbx_seq_one_letter_code
_entity_poly.pdbx_strand_id
1 'polypeptide(L)'
;MLTYAPLNFIAIGIGATLGAWLRWVLGLKLNGAGWPWGTLTANLVGGYLIGVMVALIASHPEWPAWIRLAAVTGFLGGLT
TFSTFSAETVDMLCRGVYATAAAYAGASLAGSLAMTGLGLATVRLLLR
;
A,B,C,D
2 'polypeptide(L)'
;SVSSVPTKLEVVAATPTSLLISWDAYYDEVMYYRITYGETGGNSPVQEFTVPGSSSTATISGLKPGVDYTITVYAYYDSY
GHWSPISINYRT
;
E,F,G,H
#
loop_
_chem_comp.id
_chem_comp.type
_chem_comp.name
_chem_comp.formula
F non-polymer 'FLUORIDE ION' 'F -1'
NA non-polymer 'SODIUM ION' 'Na 1'
#
# COMPACT_ATOMS: atom_id res chain seq x y z
N LEU A 2 15.85 -35.48 -1.07
CA LEU A 2 14.69 -36.16 -0.52
C LEU A 2 13.44 -35.30 -0.66
N THR A 3 13.59 -34.00 -0.38
CA THR A 3 12.46 -33.08 -0.50
C THR A 3 12.09 -32.85 -1.96
N TYR A 4 13.05 -32.41 -2.76
CA TYR A 4 12.84 -32.17 -4.20
C TYR A 4 12.94 -33.50 -4.93
N ALA A 5 11.87 -34.28 -4.85
CA ALA A 5 11.81 -35.62 -5.40
C ALA A 5 10.53 -35.81 -6.22
N PRO A 6 10.56 -36.68 -7.22
CA PRO A 6 9.36 -36.86 -8.06
C PRO A 6 8.16 -37.42 -7.30
N LEU A 7 8.40 -38.22 -6.26
CA LEU A 7 7.27 -38.74 -5.47
C LEU A 7 6.54 -37.62 -4.74
N ASN A 8 7.26 -36.58 -4.32
CA ASN A 8 6.62 -35.47 -3.63
C ASN A 8 5.76 -34.63 -4.58
N PHE A 9 6.17 -34.51 -5.84
CA PHE A 9 5.35 -33.79 -6.80
C PHE A 9 4.03 -34.53 -7.03
N ILE A 10 4.08 -35.86 -7.11
CA ILE A 10 2.84 -36.63 -7.27
C ILE A 10 1.97 -36.50 -6.04
N ALA A 11 2.57 -36.56 -4.85
CA ALA A 11 1.79 -36.44 -3.61
C ALA A 11 1.13 -35.08 -3.50
N ILE A 12 1.81 -34.03 -3.94
CA ILE A 12 1.21 -32.69 -3.91
C ILE A 12 0.13 -32.56 -4.97
N GLY A 13 0.39 -33.08 -6.18
CA GLY A 13 -0.59 -32.98 -7.24
C GLY A 13 -1.88 -33.72 -6.92
N ILE A 14 -1.76 -34.93 -6.36
CA ILE A 14 -2.95 -35.69 -5.98
C ILE A 14 -3.71 -34.96 -4.88
N GLY A 15 -2.99 -34.46 -3.88
CA GLY A 15 -3.64 -33.71 -2.81
C GLY A 15 -4.30 -32.44 -3.32
N ALA A 16 -3.56 -31.66 -4.13
CA ALA A 16 -4.11 -30.40 -4.65
C ALA A 16 -5.31 -30.64 -5.54
N THR A 17 -5.32 -31.75 -6.27
CA THR A 17 -6.46 -32.06 -7.13
C THR A 17 -7.71 -32.34 -6.29
N LEU A 18 -7.57 -33.13 -5.23
CA LEU A 18 -8.71 -33.41 -4.36
C LEU A 18 -9.16 -32.16 -3.62
N GLY A 19 -8.22 -31.33 -3.19
CA GLY A 19 -8.58 -30.11 -2.49
C GLY A 19 -9.29 -29.11 -3.40
N ALA A 20 -8.85 -29.00 -4.65
CA ALA A 20 -9.51 -28.10 -5.59
C ALA A 20 -10.88 -28.63 -6.00
N TRP A 21 -11.03 -29.95 -6.09
CA TRP A 21 -12.35 -30.52 -6.37
C TRP A 21 -13.32 -30.23 -5.24
N LEU A 22 -12.86 -30.30 -4.00
CA LEU A 22 -13.73 -30.03 -2.86
C LEU A 22 -14.13 -28.56 -2.81
N ARG A 23 -13.18 -27.65 -3.03
CA ARG A 23 -13.51 -26.23 -3.06
C ARG A 23 -14.48 -25.92 -4.19
N TRP A 24 -14.30 -26.56 -5.35
CA TRP A 24 -15.20 -26.33 -6.48
C TRP A 24 -16.61 -26.80 -6.16
N VAL A 25 -16.75 -27.97 -5.53
CA VAL A 25 -18.07 -28.47 -5.17
C VAL A 25 -18.70 -27.59 -4.10
N LEU A 26 -17.91 -27.20 -3.08
CA LEU A 26 -18.43 -26.33 -2.03
C LEU A 26 -18.94 -25.02 -2.61
N GLY A 27 -18.25 -24.47 -3.61
CA GLY A 27 -18.71 -23.25 -4.23
C GLY A 27 -20.01 -23.43 -4.98
N LEU A 28 -20.14 -24.55 -5.70
CA LEU A 28 -21.37 -24.79 -6.46
C LEU A 28 -22.57 -24.99 -5.54
N LYS A 29 -22.35 -25.48 -4.32
CA LYS A 29 -23.44 -25.78 -3.40
C LYS A 29 -23.66 -24.70 -2.35
N LEU A 30 -22.69 -23.85 -2.07
CA LEU A 30 -22.81 -22.89 -0.97
C LEU A 30 -22.66 -21.44 -1.39
N ASN A 31 -21.93 -21.14 -2.45
CA ASN A 31 -21.77 -19.74 -2.87
C ASN A 31 -23.12 -19.16 -3.24
N GLY A 32 -23.56 -18.15 -2.47
CA GLY A 32 -24.83 -17.52 -2.69
C GLY A 32 -24.74 -16.32 -3.61
N ALA A 33 -25.91 -15.74 -3.88
CA ALA A 33 -25.99 -14.59 -4.76
C ALA A 33 -25.50 -13.31 -4.09
N GLY A 34 -25.47 -13.27 -2.76
CA GLY A 34 -25.05 -12.08 -2.05
C GLY A 34 -23.78 -12.25 -1.26
N TRP A 35 -23.47 -13.49 -0.87
CA TRP A 35 -22.31 -13.78 -0.03
C TRP A 35 -21.65 -15.07 -0.53
N PRO A 36 -20.33 -15.07 -0.73
CA PRO A 36 -19.62 -16.29 -1.19
C PRO A 36 -19.39 -17.27 -0.04
N TRP A 37 -20.47 -17.92 0.40
CA TRP A 37 -20.36 -18.84 1.52
C TRP A 37 -19.51 -20.06 1.19
N GLY A 38 -19.44 -20.44 -0.09
CA GLY A 38 -18.64 -21.58 -0.46
C GLY A 38 -17.14 -21.32 -0.35
N THR A 39 -16.70 -20.17 -0.86
CA THR A 39 -15.30 -19.80 -0.71
C THR A 39 -14.93 -19.62 0.74
N LEU A 40 -15.81 -18.99 1.52
CA LEU A 40 -15.54 -18.80 2.94
C LEU A 40 -15.50 -20.13 3.69
N THR A 41 -16.40 -21.05 3.35
CA THR A 41 -16.38 -22.37 3.97
C THR A 41 -15.07 -23.10 3.66
N ALA A 42 -14.61 -23.01 2.41
CA ALA A 42 -13.36 -23.67 2.04
C ALA A 42 -12.18 -23.09 2.81
N ASN A 43 -12.15 -21.77 3.00
CA ASN A 43 -11.05 -21.15 3.72
C ASN A 43 -11.15 -21.42 5.22
N LEU A 44 -12.37 -21.41 5.77
CA LEU A 44 -12.52 -21.69 7.20
C LEU A 44 -12.20 -23.13 7.52
N VAL A 45 -12.69 -24.08 6.72
CA VAL A 45 -12.39 -25.49 6.94
C VAL A 45 -10.90 -25.75 6.75
N GLY A 46 -10.31 -25.17 5.70
CA GLY A 46 -8.89 -25.34 5.48
C GLY A 46 -8.05 -24.72 6.58
N GLY A 47 -8.50 -23.59 7.14
CA GLY A 47 -7.80 -23.00 8.26
C GLY A 47 -7.83 -23.87 9.49
N TYR A 48 -8.97 -24.51 9.75
CA TYR A 48 -9.06 -25.42 10.89
C TYR A 48 -8.22 -26.67 10.66
N LEU A 49 -8.24 -27.21 9.44
CA LEU A 49 -7.56 -28.46 9.18
C LEU A 49 -6.04 -28.31 9.19
N ILE A 50 -5.52 -27.13 8.86
CA ILE A 50 -4.07 -26.94 8.94
C ILE A 50 -3.63 -26.78 10.38
N GLY A 51 -4.50 -26.24 11.25
CA GLY A 51 -4.22 -26.28 12.67
C GLY A 51 -4.20 -27.69 13.20
N VAL A 52 -5.09 -28.54 12.69
CA VAL A 52 -5.08 -29.95 13.05
C VAL A 52 -3.80 -30.61 12.54
N MET A 53 -3.44 -30.33 11.29
CA MET A 53 -2.28 -30.98 10.70
C MET A 53 -0.98 -30.54 11.37
N VAL A 54 -0.83 -29.23 11.63
CA VAL A 54 0.39 -28.74 12.27
C VAL A 54 0.56 -29.39 13.64
N ALA A 55 -0.53 -29.58 14.38
CA ALA A 55 -0.43 -30.20 15.69
C ALA A 55 -0.15 -31.69 15.57
N LEU A 56 -0.72 -32.35 14.55
CA LEU A 56 -0.46 -33.77 14.35
C LEU A 56 0.97 -34.03 13.90
N ILE A 57 1.50 -33.17 13.03
CA ILE A 57 2.88 -33.33 12.55
C ILE A 57 3.86 -33.19 13.71
N ALA A 58 3.60 -32.23 14.61
CA ALA A 58 4.49 -32.04 15.75
C ALA A 58 4.49 -33.25 16.68
N SER A 59 3.38 -33.96 16.76
CA SER A 59 3.27 -35.14 17.61
C SER A 59 3.67 -36.43 16.88
N HIS A 60 3.95 -36.35 15.58
CA HIS A 60 4.39 -37.51 14.79
C HIS A 60 5.59 -37.10 13.94
N PRO A 61 6.76 -36.91 14.56
CA PRO A 61 7.95 -36.56 13.77
C PRO A 61 8.47 -37.71 12.91
N GLU A 62 8.01 -38.94 13.15
CA GLU A 62 8.43 -40.07 12.34
C GLU A 62 7.69 -40.16 11.00
N TRP A 63 6.65 -39.35 10.81
CA TRP A 63 5.92 -39.38 9.55
C TRP A 63 6.83 -38.93 8.41
N PRO A 64 6.85 -39.64 7.29
CA PRO A 64 7.63 -39.18 6.13
C PRO A 64 7.09 -37.86 5.58
N ALA A 65 7.91 -37.21 4.77
CA ALA A 65 7.57 -35.87 4.30
C ALA A 65 6.36 -35.86 3.37
N TRP A 66 6.13 -36.96 2.65
CA TRP A 66 5.05 -36.97 1.67
C TRP A 66 3.67 -36.86 2.31
N ILE A 67 3.55 -37.16 3.60
CA ILE A 67 2.25 -37.04 4.26
C ILE A 67 1.86 -35.57 4.40
N ARG A 68 2.75 -34.74 4.94
CA ARG A 68 2.44 -33.33 5.11
C ARG A 68 2.39 -32.60 3.78
N LEU A 69 3.14 -33.07 2.78
CA LEU A 69 3.09 -32.44 1.47
C LEU A 69 1.78 -32.73 0.76
N ALA A 70 1.26 -33.95 0.90
CA ALA A 70 -0.01 -34.30 0.26
C ALA A 70 -1.19 -33.67 0.99
N ALA A 71 -1.12 -33.59 2.32
CA ALA A 71 -2.22 -33.09 3.13
C ALA A 71 -2.25 -31.56 3.22
N VAL A 72 -1.10 -30.94 3.55
CA VAL A 72 -1.06 -29.50 3.78
C VAL A 72 -0.73 -28.78 2.48
N THR A 73 0.47 -29.03 1.94
CA THR A 73 0.88 -28.37 0.72
C THR A 73 -0.04 -28.71 -0.45
N GLY A 74 -0.50 -29.97 -0.51
CA GLY A 74 -1.38 -30.40 -1.57
C GLY A 74 -2.85 -30.12 -1.28
N PHE A 75 -3.45 -30.95 -0.41
CA PHE A 75 -4.89 -30.91 -0.20
C PHE A 75 -5.34 -29.55 0.33
N LEU A 76 -4.77 -29.12 1.46
CA LEU A 76 -5.18 -27.84 2.04
C LEU A 76 -4.77 -26.67 1.18
N GLY A 77 -3.69 -26.81 0.41
CA GLY A 77 -3.29 -25.78 -0.53
C GLY A 77 -4.20 -25.69 -1.74
N GLY A 78 -4.93 -26.75 -2.04
CA GLY A 78 -5.90 -26.72 -3.12
C GLY A 78 -7.29 -26.40 -2.63
N LEU A 79 -7.54 -26.67 -1.34
CA LEU A 79 -8.86 -26.40 -0.76
C LEU A 79 -9.05 -24.91 -0.51
N THR A 80 -8.08 -24.27 0.13
CA THR A 80 -8.19 -22.84 0.39
C THR A 80 -7.77 -22.05 -0.84
N THR A 81 -8.07 -20.75 -0.81
CA THR A 81 -7.75 -19.90 -1.95
C THR A 81 -7.66 -18.44 -1.48
N PHE A 82 -6.62 -17.76 -1.93
CA PHE A 82 -6.48 -16.33 -1.71
C PHE A 82 -6.87 -15.50 -2.93
N SER A 83 -6.63 -16.01 -4.14
CA SER A 83 -6.97 -15.29 -5.35
C SER A 83 -8.48 -15.15 -5.50
N THR A 84 -9.21 -16.26 -5.33
CA THR A 84 -10.67 -16.20 -5.42
C THR A 84 -11.24 -15.25 -4.36
N PHE A 85 -10.70 -15.30 -3.14
CA PHE A 85 -11.10 -14.35 -2.11
C PHE A 85 -10.80 -12.92 -2.54
N SER A 86 -9.66 -12.71 -3.20
CA SER A 86 -9.28 -11.36 -3.61
C SER A 86 -10.21 -10.84 -4.70
N ALA A 87 -10.54 -11.67 -5.68
CA ALA A 87 -11.41 -11.23 -6.77
C ALA A 87 -12.83 -10.97 -6.27
N GLU A 88 -13.33 -11.81 -5.36
CA GLU A 88 -14.65 -11.58 -4.79
C GLU A 88 -14.69 -10.28 -4.00
N THR A 89 -13.65 -10.02 -3.20
CA THR A 89 -13.61 -8.79 -2.42
C THR A 89 -13.50 -7.57 -3.33
N VAL A 90 -12.66 -7.64 -4.37
CA VAL A 90 -12.53 -6.53 -5.30
C VAL A 90 -13.85 -6.25 -6.01
N ASP A 91 -14.60 -7.31 -6.34
CA ASP A 91 -15.90 -7.11 -6.97
C ASP A 91 -16.89 -6.44 -6.03
N MET A 92 -16.75 -6.69 -4.72
CA MET A 92 -17.59 -5.97 -3.76
C MET A 92 -17.21 -4.50 -3.70
N LEU A 93 -15.93 -4.17 -3.87
CA LEU A 93 -15.51 -2.78 -3.78
C LEU A 93 -16.01 -1.96 -4.96
N CYS A 94 -15.95 -2.52 -6.17
CA CYS A 94 -16.44 -1.79 -7.33
C CYS A 94 -17.96 -1.67 -7.35
N ARG A 95 -18.67 -2.51 -6.59
CA ARG A 95 -20.11 -2.35 -6.42
C ARG A 95 -20.47 -1.25 -5.45
N GLY A 96 -19.55 -0.86 -4.58
CA GLY A 96 -19.80 0.18 -3.59
C GLY A 96 -20.19 -0.33 -2.22
N VAL A 97 -20.30 -1.64 -2.02
CA VAL A 97 -20.66 -2.19 -0.72
C VAL A 97 -19.39 -2.33 0.12
N TYR A 98 -18.84 -1.20 0.57
CA TYR A 98 -17.58 -1.24 1.30
C TYR A 98 -17.73 -1.95 2.64
N ALA A 99 -18.89 -1.80 3.29
CA ALA A 99 -19.11 -2.49 4.57
C ALA A 99 -19.19 -3.99 4.38
N THR A 100 -19.73 -4.45 3.25
CA THR A 100 -19.78 -5.88 2.97
C THR A 100 -18.39 -6.42 2.64
N ALA A 101 -17.59 -5.66 1.89
CA ALA A 101 -16.25 -6.10 1.55
C ALA A 101 -15.37 -6.19 2.79
N ALA A 102 -15.45 -5.21 3.67
CA ALA A 102 -14.67 -5.24 4.90
C ALA A 102 -15.12 -6.39 5.80
N ALA A 103 -16.42 -6.68 5.82
CA ALA A 103 -16.92 -7.80 6.61
C ALA A 103 -16.46 -9.13 6.02
N TYR A 104 -16.41 -9.23 4.69
CA TYR A 104 -15.96 -10.48 4.07
C TYR A 104 -14.46 -10.69 4.27
N ALA A 105 -13.68 -9.61 4.18
CA ALA A 105 -12.25 -9.72 4.47
C ALA A 105 -12.01 -10.01 5.94
N GLY A 106 -12.79 -9.37 6.82
CA GLY A 106 -12.64 -9.62 8.25
C GLY A 106 -13.06 -11.03 8.64
N ALA A 107 -14.17 -11.52 8.08
CA ALA A 107 -14.59 -12.87 8.38
C ALA A 107 -13.64 -13.91 7.81
N SER A 108 -13.00 -13.60 6.67
CA SER A 108 -12.03 -14.53 6.09
C SER A 108 -10.71 -14.50 6.86
N LEU A 109 -10.24 -13.32 7.22
CA LEU A 109 -8.97 -13.21 7.94
C LEU A 109 -9.10 -13.68 9.39
N ALA A 110 -9.91 -12.96 10.17
CA ALA A 110 -10.07 -13.30 11.58
C ALA A 110 -10.69 -14.68 11.76
N GLY A 111 -11.55 -15.09 10.82
CA GLY A 111 -12.15 -16.42 10.93
C GLY A 111 -11.14 -17.53 10.70
N SER A 112 -10.28 -17.37 9.70
CA SER A 112 -9.29 -18.42 9.41
C SER A 112 -8.27 -18.55 10.54
N LEU A 113 -7.83 -17.42 11.10
CA LEU A 113 -6.88 -17.47 12.20
C LEU A 113 -7.49 -18.14 13.43
N ALA A 114 -8.77 -17.85 13.69
CA ALA A 114 -9.43 -18.46 14.85
C ALA A 114 -9.63 -19.96 14.65
N MET A 115 -9.99 -20.38 13.43
CA MET A 115 -10.13 -21.81 13.16
C MET A 115 -8.78 -22.52 13.23
N THR A 116 -7.70 -21.84 12.82
CA THR A 116 -6.37 -22.42 12.96
C THR A 116 -6.00 -22.61 14.43
N GLY A 117 -6.31 -21.62 15.26
CA GLY A 117 -6.10 -21.78 16.69
C GLY A 117 -6.97 -22.88 17.28
N LEU A 118 -8.22 -22.99 16.81
CA LEU A 118 -9.08 -24.08 17.26
C LEU A 118 -8.54 -25.43 16.80
N GLY A 119 -7.98 -25.50 15.60
CA GLY A 119 -7.41 -26.74 15.13
C GLY A 119 -6.21 -27.19 15.93
N LEU A 120 -5.34 -26.24 16.29
CA LEU A 120 -4.20 -26.57 17.15
C LEU A 120 -4.66 -27.02 18.53
N ALA A 121 -5.64 -26.32 19.11
CA ALA A 121 -6.09 -26.65 20.45
C ALA A 121 -6.87 -27.97 20.48
N THR A 122 -7.53 -28.33 19.38
CA THR A 122 -8.31 -29.57 19.36
C THR A 122 -7.41 -30.78 19.47
N VAL A 123 -6.34 -30.82 18.69
CA VAL A 123 -5.44 -31.97 18.71
C VAL A 123 -4.63 -31.99 20.00
N ARG A 124 -4.12 -30.84 20.43
CA ARG A 124 -3.34 -30.77 21.67
C ARG A 124 -4.18 -31.16 22.89
N LEU A 125 -5.50 -30.91 22.83
CA LEU A 125 -6.37 -31.37 23.90
C LEU A 125 -6.52 -32.88 23.89
N LEU A 126 -6.66 -33.47 22.70
CA LEU A 126 -6.84 -34.92 22.58
C LEU A 126 -5.55 -35.69 22.85
N LEU A 127 -4.42 -35.01 22.99
CA LEU A 127 -3.15 -35.68 23.26
C LEU A 127 -2.83 -35.78 24.74
N ARG A 128 -3.53 -35.04 25.59
CA ARG A 128 -3.26 -35.07 27.02
C ARG A 128 -3.78 -36.36 27.66
N ALA B 5 -19.34 -32.79 -14.75
CA ALA B 5 -18.76 -33.31 -15.98
C ALA B 5 -17.31 -33.76 -15.75
N PRO B 6 -16.92 -34.86 -16.39
CA PRO B 6 -15.53 -35.33 -16.23
C PRO B 6 -14.49 -34.36 -16.76
N LEU B 7 -14.81 -33.61 -17.81
CA LEU B 7 -13.88 -32.61 -18.33
C LEU B 7 -13.60 -31.53 -17.30
N ASN B 8 -14.62 -31.17 -16.50
CA ASN B 8 -14.42 -30.15 -15.48
C ASN B 8 -13.47 -30.64 -14.38
N PHE B 9 -13.60 -31.91 -13.99
CA PHE B 9 -12.67 -32.47 -13.00
C PHE B 9 -11.25 -32.52 -13.54
N ILE B 10 -11.10 -32.80 -14.84
CA ILE B 10 -9.76 -32.89 -15.42
C ILE B 10 -9.14 -31.52 -15.57
N ALA B 11 -9.93 -30.54 -16.02
CA ALA B 11 -9.40 -29.18 -16.20
C ALA B 11 -8.99 -28.58 -14.86
N ILE B 12 -9.79 -28.79 -13.82
CA ILE B 12 -9.44 -28.27 -12.49
C ILE B 12 -8.27 -29.04 -11.91
N GLY B 13 -8.22 -30.35 -12.13
CA GLY B 13 -7.15 -31.15 -11.56
C GLY B 13 -5.79 -30.82 -12.16
N ILE B 14 -5.74 -30.58 -13.47
CA ILE B 14 -4.47 -30.24 -14.12
C ILE B 14 -4.01 -28.86 -13.67
N GLY B 15 -4.92 -27.89 -13.64
CA GLY B 15 -4.54 -26.55 -13.23
C GLY B 15 -4.07 -26.48 -11.79
N ALA B 16 -4.84 -27.10 -10.88
CA ALA B 16 -4.48 -27.07 -9.47
C ALA B 16 -3.14 -27.77 -9.22
N THR B 17 -2.88 -28.85 -9.95
CA THR B 17 -1.60 -29.53 -9.83
C THR B 17 -0.44 -28.63 -10.26
N LEU B 18 -0.61 -27.94 -11.39
CA LEU B 18 0.42 -27.01 -11.85
C LEU B 18 0.55 -25.83 -10.90
N GLY B 19 -0.56 -25.30 -10.41
CA GLY B 19 -0.50 -24.17 -9.50
C GLY B 19 0.13 -24.53 -8.16
N ALA B 20 -0.18 -25.71 -7.64
CA ALA B 20 0.42 -26.15 -6.39
C ALA B 20 1.92 -26.41 -6.55
N TRP B 21 2.31 -27.00 -7.68
CA TRP B 21 3.73 -27.19 -7.95
C TRP B 21 4.47 -25.85 -7.98
N LEU B 22 3.89 -24.84 -8.62
CA LEU B 22 4.52 -23.53 -8.66
C LEU B 22 4.61 -22.92 -7.26
N ARG B 23 3.53 -23.04 -6.47
CA ARG B 23 3.54 -22.49 -5.11
C ARG B 23 4.59 -23.20 -4.25
N TRP B 24 4.71 -24.52 -4.39
CA TRP B 24 5.67 -25.27 -3.60
C TRP B 24 7.10 -24.84 -3.94
N VAL B 25 7.42 -24.79 -5.24
CA VAL B 25 8.77 -24.39 -5.65
C VAL B 25 9.06 -22.97 -5.20
N LEU B 26 8.09 -22.07 -5.34
CA LEU B 26 8.26 -20.70 -4.85
C LEU B 26 8.60 -20.68 -3.37
N GLY B 27 7.99 -21.59 -2.59
CA GLY B 27 8.31 -21.66 -1.18
C GLY B 27 9.71 -22.16 -0.91
N LEU B 28 10.15 -23.17 -1.69
CA LEU B 28 11.49 -23.71 -1.49
C LEU B 28 12.58 -22.70 -1.85
N LYS B 29 12.30 -21.81 -2.81
CA LYS B 29 13.31 -20.87 -3.30
C LYS B 29 13.26 -19.52 -2.61
N LEU B 30 12.13 -19.12 -2.05
CA LEU B 30 11.95 -17.77 -1.54
C LEU B 30 11.63 -17.67 -0.07
N ASN B 31 10.97 -18.68 0.53
CA ASN B 31 10.62 -18.60 1.94
C ASN B 31 11.87 -18.45 2.80
N GLY B 32 11.97 -17.33 3.50
CA GLY B 32 13.09 -17.07 4.37
C GLY B 32 12.85 -17.53 5.79
N ALA B 33 13.93 -17.57 6.56
CA ALA B 33 13.83 -17.97 7.96
C ALA B 33 13.04 -16.98 8.80
N GLY B 34 12.90 -15.74 8.34
CA GLY B 34 12.17 -14.74 9.09
C GLY B 34 10.79 -14.47 8.53
N TRP B 35 10.68 -14.38 7.20
CA TRP B 35 9.42 -14.05 6.55
C TRP B 35 9.15 -14.99 5.39
N PRO B 36 7.90 -15.44 5.24
CA PRO B 36 7.54 -16.34 4.13
C PRO B 36 7.39 -15.62 2.79
N TRP B 37 8.53 -15.30 2.17
CA TRP B 37 8.49 -14.63 0.88
C TRP B 37 7.91 -15.51 -0.21
N GLY B 38 8.06 -16.84 -0.09
CA GLY B 38 7.50 -17.72 -1.09
C GLY B 38 5.98 -17.76 -1.06
N THR B 39 5.40 -17.82 0.15
CA THR B 39 3.94 -17.82 0.26
C THR B 39 3.37 -16.47 -0.17
N LEU B 40 4.00 -15.38 0.25
CA LEU B 40 3.52 -14.05 -0.14
C LEU B 40 3.60 -13.84 -1.64
N THR B 41 4.70 -14.29 -2.26
CA THR B 41 4.85 -14.17 -3.71
C THR B 41 3.76 -14.95 -4.43
N ALA B 42 3.47 -16.17 -3.96
CA ALA B 42 2.43 -16.98 -4.60
C ALA B 42 1.08 -16.30 -4.52
N ASN B 43 0.76 -15.68 -3.38
CA ASN B 43 -0.54 -15.02 -3.23
C ASN B 43 -0.58 -13.71 -4.01
N LEU B 44 0.54 -12.97 -4.04
CA LEU B 44 0.55 -11.70 -4.78
C LEU B 44 0.49 -11.93 -6.28
N VAL B 45 1.24 -12.90 -6.79
CA VAL B 45 1.16 -13.22 -8.22
C VAL B 45 -0.21 -13.77 -8.57
N GLY B 46 -0.73 -14.69 -7.74
CA GLY B 46 -2.06 -15.23 -7.99
C GLY B 46 -3.14 -14.17 -7.91
N GLY B 47 -2.99 -13.23 -6.98
CA GLY B 47 -3.94 -12.13 -6.90
C GLY B 47 -3.89 -11.23 -8.13
N TYR B 48 -2.68 -10.99 -8.65
CA TYR B 48 -2.55 -10.20 -9.88
C TYR B 48 -3.11 -10.96 -11.07
N LEU B 49 -2.83 -12.26 -11.17
CA LEU B 49 -3.23 -13.03 -12.34
C LEU B 49 -4.73 -13.24 -12.40
N ILE B 50 -5.41 -13.27 -11.25
CA ILE B 50 -6.87 -13.42 -11.29
C ILE B 50 -7.51 -12.12 -11.73
N GLY B 51 -6.90 -10.98 -11.43
CA GLY B 51 -7.37 -9.72 -11.98
C GLY B 51 -7.21 -9.67 -13.49
N VAL B 52 -6.13 -10.26 -14.00
CA VAL B 52 -5.93 -10.36 -15.44
C VAL B 52 -6.97 -11.30 -16.05
N MET B 53 -7.19 -12.45 -15.42
CA MET B 53 -8.13 -13.44 -15.96
C MET B 53 -9.55 -12.89 -15.98
N VAL B 54 -9.96 -12.22 -14.89
CA VAL B 54 -11.32 -11.69 -14.82
C VAL B 54 -11.56 -10.70 -15.95
N ALA B 55 -10.59 -9.82 -16.21
CA ALA B 55 -10.75 -8.87 -17.31
C ALA B 55 -10.64 -9.55 -18.67
N LEU B 56 -9.86 -10.63 -18.78
CA LEU B 56 -9.76 -11.35 -20.03
C LEU B 56 -11.05 -12.11 -20.34
N ILE B 57 -11.71 -12.64 -19.31
CA ILE B 57 -12.95 -13.38 -19.51
C ILE B 57 -14.07 -12.44 -19.97
N ALA B 58 -14.14 -11.24 -19.38
CA ALA B 58 -15.16 -10.28 -19.79
C ALA B 58 -14.94 -9.81 -21.23
N SER B 59 -13.68 -9.76 -21.67
CA SER B 59 -13.38 -9.39 -23.04
C SER B 59 -13.38 -10.57 -23.99
N HIS B 60 -13.52 -11.80 -23.48
CA HIS B 60 -13.60 -13.00 -24.30
C HIS B 60 -14.75 -13.87 -23.81
N PRO B 61 -16.00 -13.47 -24.08
CA PRO B 61 -17.14 -14.30 -23.67
C PRO B 61 -17.24 -15.62 -24.42
N GLU B 62 -16.54 -15.77 -25.53
CA GLU B 62 -16.55 -17.04 -26.26
C GLU B 62 -15.79 -18.15 -25.53
N TRP B 63 -14.93 -17.78 -24.58
CA TRP B 63 -14.15 -18.77 -23.84
C TRP B 63 -15.08 -19.69 -23.06
N PRO B 64 -15.05 -21.00 -23.31
CA PRO B 64 -15.95 -21.91 -22.59
C PRO B 64 -15.58 -22.08 -21.12
N ALA B 65 -16.35 -22.89 -20.39
CA ALA B 65 -16.18 -22.98 -18.95
C ALA B 65 -14.90 -23.68 -18.56
N TRP B 66 -14.42 -24.63 -19.37
CA TRP B 66 -13.24 -25.40 -18.98
C TRP B 66 -11.98 -24.53 -18.94
N ILE B 67 -11.91 -23.50 -19.80
CA ILE B 67 -10.83 -22.54 -19.69
C ILE B 67 -10.93 -21.78 -18.37
N ARG B 68 -12.15 -21.40 -17.99
CA ARG B 68 -12.37 -20.68 -16.74
C ARG B 68 -11.97 -21.53 -15.54
N LEU B 69 -12.33 -22.81 -15.55
CA LEU B 69 -12.06 -23.69 -14.41
C LEU B 69 -10.60 -24.10 -14.34
N ALA B 70 -9.94 -24.27 -15.48
CA ALA B 70 -8.54 -24.67 -15.47
C ALA B 70 -7.64 -23.53 -15.04
N ALA B 71 -7.96 -22.30 -15.47
CA ALA B 71 -7.07 -21.17 -15.21
C ALA B 71 -7.30 -20.59 -13.81
N VAL B 72 -8.55 -20.36 -13.43
CA VAL B 72 -8.85 -19.66 -12.19
C VAL B 72 -9.13 -20.66 -11.06
N THR B 73 -10.17 -21.47 -11.22
CA THR B 73 -10.52 -22.43 -10.18
C THR B 73 -9.40 -23.43 -9.95
N GLY B 74 -8.71 -23.83 -11.03
CA GLY B 74 -7.62 -24.77 -10.92
C GLY B 74 -6.28 -24.13 -10.61
N PHE B 75 -5.66 -23.50 -11.61
CA PHE B 75 -4.29 -23.03 -11.48
C PHE B 75 -4.17 -21.97 -10.39
N LEU B 76 -4.93 -20.88 -10.52
CA LEU B 76 -4.84 -19.83 -9.51
C LEU B 76 -5.37 -20.28 -8.16
N GLY B 77 -6.38 -21.16 -8.16
CA GLY B 77 -6.86 -21.72 -6.91
C GLY B 77 -5.84 -22.62 -6.23
N GLY B 78 -4.92 -23.18 -7.01
CA GLY B 78 -3.86 -24.01 -6.46
C GLY B 78 -2.61 -23.21 -6.16
N LEU B 79 -2.41 -22.12 -6.90
CA LEU B 79 -1.23 -21.28 -6.70
C LEU B 79 -1.32 -20.51 -5.38
N THR B 80 -2.47 -19.90 -5.11
CA THR B 80 -2.63 -19.16 -3.87
C THR B 80 -3.04 -20.11 -2.75
N THR B 81 -3.01 -19.59 -1.52
CA THR B 81 -3.33 -20.41 -0.36
C THR B 81 -3.73 -19.50 0.80
N PHE B 82 -4.79 -19.88 1.50
CA PHE B 82 -5.21 -19.19 2.72
C PHE B 82 -4.79 -19.94 3.98
N SER B 83 -4.79 -21.28 3.93
CA SER B 83 -4.43 -22.06 5.10
C SER B 83 -2.96 -21.89 5.46
N THR B 84 -2.07 -21.93 4.45
CA THR B 84 -0.66 -21.71 4.71
C THR B 84 -0.40 -20.33 5.30
N PHE B 85 -1.06 -19.31 4.75
CA PHE B 85 -0.96 -17.96 5.30
C PHE B 85 -1.49 -17.92 6.73
N SER B 86 -2.57 -18.64 7.00
CA SER B 86 -3.16 -18.62 8.34
C SER B 86 -2.24 -19.28 9.36
N ALA B 87 -1.63 -20.41 9.00
CA ALA B 87 -0.73 -21.09 9.92
C ALA B 87 0.56 -20.31 10.14
N GLU B 88 1.06 -19.66 9.08
CA GLU B 88 2.24 -18.81 9.24
C GLU B 88 1.94 -17.63 10.15
N THR B 89 0.73 -17.07 10.06
CA THR B 89 0.38 -15.92 10.89
C THR B 89 0.16 -16.33 12.34
N VAL B 90 -0.48 -17.48 12.57
CA VAL B 90 -0.67 -17.96 13.94
C VAL B 90 0.67 -18.29 14.58
N ASP B 91 1.60 -18.84 13.81
CA ASP B 91 2.93 -19.11 14.35
C ASP B 91 3.64 -17.81 14.75
N MET B 92 3.40 -16.72 14.02
CA MET B 92 3.96 -15.43 14.42
C MET B 92 3.27 -14.90 15.68
N LEU B 93 1.97 -15.16 15.84
CA LEU B 93 1.26 -14.67 17.02
C LEU B 93 1.73 -15.36 18.29
N CYS B 94 1.89 -16.69 18.24
CA CYS B 94 2.33 -17.42 19.43
C CYS B 94 3.78 -17.12 19.78
N ARG B 95 4.57 -16.59 18.83
CA ARG B 95 5.93 -16.17 19.12
C ARG B 95 5.99 -14.80 19.78
N GLY B 96 4.91 -14.02 19.72
CA GLY B 96 4.86 -12.71 20.32
C GLY B 96 5.20 -11.57 19.39
N VAL B 97 5.58 -11.84 18.14
CA VAL B 97 5.88 -10.79 17.18
C VAL B 97 4.59 -10.30 16.55
N TYR B 98 3.81 -9.54 17.32
CA TYR B 98 2.49 -9.10 16.85
C TYR B 98 2.62 -8.12 15.69
N ALA B 99 3.57 -7.18 15.79
CA ALA B 99 3.78 -6.24 14.69
C ALA B 99 4.19 -6.95 13.41
N THR B 100 4.97 -8.04 13.53
CA THR B 100 5.33 -8.83 12.35
C THR B 100 4.11 -9.52 11.77
N ALA B 101 3.26 -10.10 12.61
CA ALA B 101 2.07 -10.78 12.12
C ALA B 101 1.11 -9.79 11.47
N ALA B 102 0.97 -8.60 12.04
CA ALA B 102 0.11 -7.58 11.45
C ALA B 102 0.63 -7.14 10.10
N ALA B 103 1.95 -7.06 9.95
CA ALA B 103 2.53 -6.67 8.67
C ALA B 103 2.34 -7.77 7.63
N TYR B 104 2.40 -9.03 8.04
CA TYR B 104 2.22 -10.12 7.09
C TYR B 104 0.76 -10.24 6.66
N ALA B 105 -0.17 -10.06 7.60
CA ALA B 105 -1.58 -10.08 7.24
C ALA B 105 -1.96 -8.86 6.41
N GLY B 106 -1.33 -7.71 6.70
CA GLY B 106 -1.60 -6.52 5.91
C GLY B 106 -1.02 -6.61 4.51
N ALA B 107 0.20 -7.13 4.39
CA ALA B 107 0.82 -7.26 3.06
C ALA B 107 0.14 -8.34 2.23
N SER B 108 -0.40 -9.37 2.88
CA SER B 108 -1.07 -10.44 2.13
C SER B 108 -2.46 -10.01 1.69
N LEU B 109 -3.26 -9.44 2.60
CA LEU B 109 -4.62 -9.05 2.26
C LEU B 109 -4.64 -7.80 1.40
N ALA B 110 -4.13 -6.68 1.92
CA ALA B 110 -4.15 -5.44 1.17
C ALA B 110 -3.26 -5.51 -0.07
N GLY B 111 -2.22 -6.33 -0.03
CA GLY B 111 -1.37 -6.48 -1.20
C GLY B 111 -2.04 -7.24 -2.32
N SER B 112 -2.74 -8.34 -1.98
CA SER B 112 -3.43 -9.11 -3.00
C SER B 112 -4.59 -8.33 -3.60
N LEU B 113 -5.29 -7.54 -2.80
CA LEU B 113 -6.37 -6.71 -3.33
C LEU B 113 -5.83 -5.67 -4.30
N ALA B 114 -4.63 -5.15 -4.04
CA ALA B 114 -4.03 -4.18 -4.96
C ALA B 114 -3.57 -4.86 -6.24
N MET B 115 -3.00 -6.07 -6.15
CA MET B 115 -2.55 -6.76 -7.34
C MET B 115 -3.72 -7.15 -8.23
N THR B 116 -4.87 -7.49 -7.63
CA THR B 116 -6.05 -7.79 -8.42
C THR B 116 -6.54 -6.54 -9.16
N GLY B 117 -6.57 -5.40 -8.48
CA GLY B 117 -6.88 -4.15 -9.16
C GLY B 117 -5.88 -3.82 -10.26
N LEU B 118 -4.60 -4.09 -10.00
CA LEU B 118 -3.58 -3.91 -11.04
C LEU B 118 -3.77 -4.90 -12.18
N GLY B 119 -4.22 -6.12 -11.87
CA GLY B 119 -4.49 -7.09 -12.92
C GLY B 119 -5.66 -6.69 -13.79
N LEU B 120 -6.67 -6.05 -13.19
CA LEU B 120 -7.79 -5.54 -13.97
C LEU B 120 -7.37 -4.37 -14.84
N ALA B 121 -6.50 -3.49 -14.31
CA ALA B 121 -6.11 -2.28 -15.02
C ALA B 121 -5.16 -2.56 -16.17
N THR B 122 -4.28 -3.55 -16.05
CA THR B 122 -3.33 -3.83 -17.12
CA THR B 122 -3.33 -3.81 -17.12
C THR B 122 -4.02 -4.34 -18.37
N VAL B 123 -5.12 -5.08 -18.22
CA VAL B 123 -5.86 -5.56 -19.37
C VAL B 123 -6.68 -4.44 -19.99
N ARG B 124 -7.26 -3.57 -19.15
CA ARG B 124 -8.06 -2.47 -19.64
C ARG B 124 -7.22 -1.37 -20.30
N LEU B 125 -5.90 -1.40 -20.14
CA LEU B 125 -5.01 -0.47 -20.83
C LEU B 125 -4.54 -1.01 -22.17
N LEU B 126 -4.33 -2.32 -22.28
CA LEU B 126 -3.86 -2.91 -23.52
C LEU B 126 -4.97 -3.19 -24.52
N LEU B 127 -6.24 -3.00 -24.13
CA LEU B 127 -7.36 -3.21 -25.04
C LEU B 127 -7.87 -1.92 -25.67
N ARG B 128 -7.64 -0.78 -25.05
CA ARG B 128 -8.06 0.50 -25.60
C ARG B 128 -6.90 1.23 -26.25
N THR C 3 -1.53 31.32 -17.64
CA THR C 3 -1.47 32.10 -18.88
C THR C 3 -0.24 31.69 -19.70
N TYR C 4 0.74 31.10 -19.03
CA TYR C 4 2.00 30.70 -19.64
C TYR C 4 2.70 31.91 -20.29
N ALA C 5 3.03 32.87 -19.45
CA ALA C 5 3.66 34.13 -19.84
C ALA C 5 4.98 34.31 -19.10
N PRO C 6 5.92 35.06 -19.67
CA PRO C 6 7.23 35.22 -19.01
C PRO C 6 7.15 35.91 -17.66
N LEU C 7 6.16 36.80 -17.45
CA LEU C 7 6.02 37.45 -16.15
C LEU C 7 5.64 36.44 -15.06
N ASN C 8 4.87 35.41 -15.41
CA ASN C 8 4.52 34.39 -14.44
C ASN C 8 5.71 33.52 -14.06
N PHE C 9 6.63 33.29 -15.01
CA PHE C 9 7.85 32.56 -14.69
C PHE C 9 8.71 33.34 -13.69
N ILE C 10 8.74 34.67 -13.83
CA ILE C 10 9.49 35.48 -12.88
C ILE C 10 8.84 35.45 -11.50
N ALA C 11 7.51 35.59 -11.46
CA ALA C 11 6.81 35.58 -10.18
C ALA C 11 6.97 34.25 -9.46
N ILE C 12 6.89 33.15 -10.18
CA ILE C 12 7.10 31.84 -9.57
C ILE C 12 8.56 31.66 -9.16
N GLY C 13 9.48 32.15 -9.98
CA GLY C 13 10.90 32.02 -9.66
C GLY C 13 11.29 32.78 -8.40
N ILE C 14 10.83 34.02 -8.28
CA ILE C 14 11.15 34.82 -7.10
C ILE C 14 10.51 34.22 -5.86
N GLY C 15 9.24 33.81 -5.96
CA GLY C 15 8.57 33.21 -4.82
C GLY C 15 9.23 31.92 -4.37
N ALA C 16 9.52 31.03 -5.31
CA ALA C 16 10.13 29.75 -4.96
C ALA C 16 11.50 29.95 -4.34
N THR C 17 12.25 30.93 -4.82
CA THR C 17 13.56 31.21 -4.24
C THR C 17 13.44 31.69 -2.80
N LEU C 18 12.47 32.57 -2.53
CA LEU C 18 12.24 33.02 -1.16
C LEU C 18 11.70 31.90 -0.28
N GLY C 19 10.81 31.06 -0.83
CA GLY C 19 10.27 29.96 -0.05
C GLY C 19 11.31 28.92 0.29
N ALA C 20 12.20 28.60 -0.66
CA ALA C 20 13.25 27.63 -0.39
C ALA C 20 14.28 28.18 0.59
N TRP C 21 14.55 29.48 0.54
CA TRP C 21 15.46 30.09 1.50
C TRP C 21 14.89 29.98 2.92
N LEU C 22 13.59 30.22 3.07
CA LEU C 22 12.96 30.12 4.39
C LEU C 22 13.00 28.68 4.90
N ARG C 23 12.69 27.72 4.02
CA ARG C 23 12.79 26.31 4.42
C ARG C 23 14.21 25.93 4.78
N TRP C 24 15.19 26.45 4.04
CA TRP C 24 16.59 26.18 4.34
C TRP C 24 16.96 26.70 5.73
N VAL C 25 16.59 27.95 6.01
CA VAL C 25 16.90 28.54 7.31
C VAL C 25 16.16 27.81 8.43
N LEU C 26 14.87 27.50 8.21
CA LEU C 26 14.12 26.74 9.20
C LEU C 26 14.73 25.38 9.45
N GLY C 27 15.33 24.76 8.43
CA GLY C 27 15.98 23.48 8.64
C GLY C 27 17.27 23.60 9.42
N LEU C 28 18.11 24.59 9.07
CA LEU C 28 19.37 24.78 9.77
C LEU C 28 19.14 25.18 11.23
N LYS C 29 18.00 25.79 11.53
CA LYS C 29 17.74 26.32 12.87
C LYS C 29 16.96 25.35 13.74
N LEU C 30 16.07 24.52 13.16
CA LEU C 30 15.17 23.70 13.95
C LEU C 30 15.37 22.20 13.80
N ASN C 31 15.97 21.73 12.70
CA ASN C 31 16.19 20.29 12.56
C ASN C 31 17.14 19.78 13.63
N GLY C 32 16.68 18.76 14.38
CA GLY C 32 17.48 18.15 15.40
C GLY C 32 18.03 16.81 14.98
N ALA C 33 18.86 16.23 15.85
CA ALA C 33 19.48 14.93 15.57
C ALA C 33 18.49 13.78 15.67
N GLY C 34 17.30 14.00 16.21
CA GLY C 34 16.33 12.93 16.35
C GLY C 34 15.05 13.15 15.58
N TRP C 35 14.68 14.41 15.37
CA TRP C 35 13.42 14.74 14.73
C TRP C 35 13.62 15.94 13.80
N PRO C 36 13.19 15.84 12.53
CA PRO C 36 13.33 16.97 11.59
C PRO C 36 12.28 18.05 11.85
N TRP C 37 12.47 18.80 12.95
CA TRP C 37 11.52 19.84 13.31
C TRP C 37 11.49 20.95 12.28
N GLY C 38 12.60 21.19 11.58
CA GLY C 38 12.61 22.24 10.57
C GLY C 38 11.79 21.88 9.35
N THR C 39 11.89 20.63 8.89
CA THR C 39 11.07 20.19 7.76
C THR C 39 9.59 20.20 8.13
N LEU C 40 9.26 19.74 9.34
CA LEU C 40 7.87 19.74 9.78
C LEU C 40 7.32 21.15 9.92
N THR C 41 8.12 22.05 10.50
CA THR C 41 7.68 23.44 10.65
C THR C 41 7.41 24.08 9.30
N ALA C 42 8.30 23.86 8.33
CA ALA C 42 8.10 24.43 7.00
C ALA C 42 6.83 23.88 6.35
N ASN C 43 6.55 22.59 6.55
CA ASN C 43 5.35 22.00 5.97
C ASN C 43 4.09 22.43 6.72
N LEU C 44 4.17 22.53 8.05
CA LEU C 44 3.02 22.97 8.83
C LEU C 44 2.67 24.42 8.55
N VAL C 45 3.69 25.29 8.50
CA VAL C 45 3.45 26.69 8.20
C VAL C 45 2.94 26.86 6.77
N GLY C 46 3.55 26.13 5.82
CA GLY C 46 3.09 26.19 4.45
C GLY C 46 1.68 25.66 4.27
N GLY C 47 1.31 24.65 5.05
CA GLY C 47 -0.06 24.14 5.00
C GLY C 47 -1.07 25.15 5.51
N TYR C 48 -0.73 25.84 6.61
CA TYR C 48 -1.61 26.88 7.13
C TYR C 48 -1.69 28.06 6.18
N LEU C 49 -0.57 28.42 5.55
CA LEU C 49 -0.55 29.61 4.70
C LEU C 49 -1.30 29.38 3.39
N ILE C 50 -1.36 28.14 2.89
CA ILE C 50 -2.09 27.91 1.66
C ILE C 50 -3.60 27.92 1.92
N GLY C 51 -4.02 27.55 3.14
CA GLY C 51 -5.42 27.73 3.49
C GLY C 51 -5.79 29.20 3.58
N VAL C 52 -4.86 30.03 4.06
CA VAL C 52 -5.08 31.47 4.09
C VAL C 52 -5.18 32.01 2.67
N MET C 53 -4.27 31.61 1.80
CA MET C 53 -4.25 32.13 0.44
C MET C 53 -5.49 31.69 -0.34
N VAL C 54 -5.91 30.43 -0.18
CA VAL C 54 -7.09 29.93 -0.89
C VAL C 54 -8.31 30.76 -0.51
N ALA C 55 -8.43 31.11 0.76
CA ALA C 55 -9.56 31.95 1.18
C ALA C 55 -9.40 33.38 0.72
N LEU C 56 -8.15 33.88 0.70
CA LEU C 56 -7.91 35.23 0.20
C LEU C 56 -8.23 35.35 -1.29
N ILE C 57 -7.84 34.34 -2.07
CA ILE C 57 -8.06 34.39 -3.52
C ILE C 57 -9.55 34.37 -3.84
N ALA C 58 -10.32 33.54 -3.12
CA ALA C 58 -11.75 33.48 -3.37
C ALA C 58 -12.46 34.79 -3.03
N SER C 59 -11.94 35.52 -2.04
CA SER C 59 -12.51 36.80 -1.66
C SER C 59 -11.98 37.97 -2.46
N HIS C 60 -10.98 37.74 -3.32
CA HIS C 60 -10.42 38.79 -4.18
C HIS C 60 -10.26 38.25 -5.58
N PRO C 61 -11.37 38.10 -6.32
CA PRO C 61 -11.27 37.63 -7.71
C PRO C 61 -10.68 38.66 -8.67
N GLU C 62 -10.56 39.93 -8.26
CA GLU C 62 -9.95 40.95 -9.10
C GLU C 62 -8.44 40.92 -9.04
N TRP C 63 -7.85 40.11 -8.17
CA TRP C 63 -6.40 40.04 -8.08
C TRP C 63 -5.82 39.44 -9.36
N PRO C 64 -4.72 39.98 -9.88
CA PRO C 64 -4.08 39.39 -11.05
C PRO C 64 -3.51 38.01 -10.73
N ALA C 65 -3.23 37.26 -11.80
CA ALA C 65 -2.84 35.86 -11.64
C ALA C 65 -1.45 35.72 -11.04
N TRP C 66 -0.59 36.72 -11.19
CA TRP C 66 0.76 36.61 -10.66
C TRP C 66 0.79 36.65 -9.14
N ILE C 67 -0.30 37.11 -8.50
CA ILE C 67 -0.35 37.12 -7.04
C ILE C 67 -0.35 35.69 -6.50
N ARG C 68 -1.26 34.85 -6.98
CA ARG C 68 -1.34 33.49 -6.50
C ARG C 68 -0.16 32.64 -6.98
N LEU C 69 0.35 32.92 -8.18
CA LEU C 69 1.47 32.15 -8.70
C LEU C 69 2.74 32.42 -7.91
N ALA C 70 2.94 33.66 -7.48
CA ALA C 70 4.12 33.99 -6.69
C ALA C 70 3.99 33.52 -5.24
N ALA C 71 2.78 33.57 -4.68
CA ALA C 71 2.58 33.23 -3.28
C ALA C 71 2.41 31.74 -3.07
N VAL C 72 1.53 31.10 -3.85
CA VAL C 72 1.21 29.70 -3.64
C VAL C 72 2.14 28.80 -4.45
N THR C 73 2.09 28.93 -5.78
CA THR C 73 2.92 28.09 -6.63
C THR C 73 4.40 28.36 -6.38
N GLY C 74 4.77 29.62 -6.17
CA GLY C 74 6.15 29.96 -5.91
C GLY C 74 6.56 29.82 -4.47
N PHE C 75 6.14 30.77 -3.61
CA PHE C 75 6.62 30.82 -2.24
C PHE C 75 6.25 29.56 -1.46
N LEU C 76 4.95 29.24 -1.41
CA LEU C 76 4.52 28.06 -0.67
C LEU C 76 4.98 26.78 -1.35
N GLY C 77 5.08 26.79 -2.68
CA GLY C 77 5.64 25.64 -3.38
C GLY C 77 7.11 25.43 -3.09
N GLY C 78 7.82 26.49 -2.73
CA GLY C 78 9.22 26.38 -2.37
C GLY C 78 9.41 26.16 -0.88
N LEU C 79 8.48 26.70 -0.08
CA LEU C 79 8.58 26.55 1.37
C LEU C 79 8.37 25.11 1.80
N THR C 80 7.30 24.48 1.32
CA THR C 80 7.02 23.11 1.70
C THR C 80 7.86 22.15 0.85
N THR C 81 7.86 20.89 1.25
CA THR C 81 8.65 19.87 0.55
C THR C 81 8.05 18.50 0.82
N PHE C 82 7.95 17.71 -0.25
CA PHE C 82 7.53 16.31 -0.11
C PHE C 82 8.69 15.34 -0.25
N SER C 83 9.71 15.69 -1.06
CA SER C 83 10.85 14.80 -1.24
C SER C 83 11.72 14.74 0.02
N THR C 84 11.97 15.90 0.65
CA THR C 84 12.73 15.91 1.89
C THR C 84 12.02 15.12 2.97
N PHE C 85 10.70 15.29 3.08
CA PHE C 85 9.92 14.49 4.03
C PHE C 85 10.01 13.00 3.70
N SER C 86 10.02 12.66 2.41
CA SER C 86 10.09 11.26 2.01
C SER C 86 11.45 10.65 2.34
N ALA C 87 12.53 11.37 2.08
CA ALA C 87 13.86 10.85 2.37
C ALA C 87 14.09 10.73 3.87
N GLU C 88 13.60 11.70 4.64
CA GLU C 88 13.70 11.61 6.10
C GLU C 88 12.90 10.43 6.64
N THR C 89 11.76 10.13 6.00
CA THR C 89 10.93 9.01 6.45
C THR C 89 11.57 7.68 6.09
N VAL C 90 12.16 7.58 4.90
CA VAL C 90 12.83 6.35 4.50
C VAL C 90 14.04 6.08 5.38
N ASP C 91 14.76 7.13 5.77
CA ASP C 91 15.91 6.93 6.65
C ASP C 91 15.49 6.40 8.02
N MET C 92 14.34 6.82 8.52
CA MET C 92 13.83 6.25 9.77
C MET C 92 13.41 4.80 9.60
N LEU C 93 12.89 4.45 8.42
CA LEU C 93 12.47 3.06 8.19
C LEU C 93 13.66 2.12 8.17
N CYS C 94 14.76 2.51 7.51
CA CYS C 94 15.93 1.64 7.46
C CYS C 94 16.66 1.60 8.79
N ARG C 95 16.39 2.54 9.70
CA ARG C 95 16.92 2.46 11.06
C ARG C 95 16.14 1.50 11.94
N GLY C 96 14.93 1.13 11.56
CA GLY C 96 14.11 0.24 12.34
C GLY C 96 13.14 0.90 13.29
N VAL C 97 13.10 2.24 13.33
CA VAL C 97 12.18 2.95 14.20
C VAL C 97 10.86 3.15 13.47
N TYR C 98 10.09 2.06 13.31
CA TYR C 98 8.85 2.13 12.57
C TYR C 98 7.82 3.03 13.26
N ALA C 99 7.82 3.03 14.61
CA ALA C 99 6.88 3.88 15.33
C ALA C 99 7.21 5.36 15.15
N THR C 100 8.50 5.69 15.07
CA THR C 100 8.89 7.07 14.82
C THR C 100 8.54 7.49 13.40
N ALA C 101 8.73 6.59 12.43
CA ALA C 101 8.41 6.91 11.05
C ALA C 101 6.92 7.11 10.84
N ALA C 102 6.10 6.27 11.48
CA ALA C 102 4.65 6.45 11.39
C ALA C 102 4.21 7.73 12.08
N ALA C 103 4.87 8.08 13.19
CA ALA C 103 4.53 9.32 13.88
C ALA C 103 4.90 10.53 13.05
N TYR C 104 6.07 10.50 12.39
CA TYR C 104 6.48 11.63 11.57
C TYR C 104 5.63 11.74 10.31
N ALA C 105 5.23 10.60 9.74
CA ALA C 105 4.34 10.64 8.59
C ALA C 105 2.94 11.10 8.99
N GLY C 106 2.46 10.63 10.15
CA GLY C 106 1.15 11.05 10.61
C GLY C 106 1.11 12.51 11.02
N ALA C 107 2.16 12.99 11.68
CA ALA C 107 2.21 14.39 12.08
C ALA C 107 2.33 15.32 10.88
N SER C 108 3.05 14.89 9.83
CA SER C 108 3.18 15.72 8.64
C SER C 108 1.89 15.72 7.83
N LEU C 109 1.27 14.56 7.64
CA LEU C 109 0.06 14.48 6.84
C LEU C 109 -1.13 15.08 7.57
N ALA C 110 -1.49 14.51 8.72
CA ALA C 110 -2.65 15.00 9.46
C ALA C 110 -2.43 16.41 9.98
N GLY C 111 -1.18 16.79 10.25
CA GLY C 111 -0.91 18.14 10.72
C GLY C 111 -1.09 19.19 9.63
N SER C 112 -0.64 18.88 8.41
CA SER C 112 -0.76 19.84 7.32
C SER C 112 -2.22 20.05 6.92
N LEU C 113 -3.01 18.97 6.92
CA LEU C 113 -4.43 19.10 6.57
C LEU C 113 -5.17 19.93 7.61
N ALA C 114 -4.84 19.75 8.89
CA ALA C 114 -5.51 20.52 9.93
C ALA C 114 -5.13 21.98 9.88
N MET C 115 -3.85 22.28 9.62
CA MET C 115 -3.42 23.67 9.51
C MET C 115 -4.05 24.34 8.28
N THR C 116 -4.21 23.59 7.19
CA THR C 116 -4.88 24.15 6.01
C THR C 116 -6.33 24.48 6.32
N GLY C 117 -7.02 23.59 7.05
CA GLY C 117 -8.37 23.91 7.47
C GLY C 117 -8.41 25.10 8.42
N LEU C 118 -7.42 25.21 9.30
CA LEU C 118 -7.34 26.38 10.18
C LEU C 118 -7.04 27.65 9.39
N GLY C 119 -6.27 27.54 8.31
CA GLY C 119 -6.03 28.71 7.47
C GLY C 119 -7.27 29.16 6.74
N LEU C 120 -8.07 28.21 6.24
CA LEU C 120 -9.33 28.55 5.61
C LEU C 120 -10.29 29.18 6.61
N ALA C 121 -10.38 28.61 7.82
CA ALA C 121 -11.33 29.11 8.80
C ALA C 121 -10.90 30.45 9.39
N THR C 122 -9.59 30.72 9.43
CA THR C 122 -9.12 31.98 10.00
C THR C 122 -9.54 33.16 9.13
N VAL C 123 -9.34 33.06 7.82
CA VAL C 123 -9.70 34.15 6.92
C VAL C 123 -11.21 34.27 6.79
N ARG C 124 -11.90 33.13 6.66
CA ARG C 124 -13.36 33.17 6.55
C ARG C 124 -13.99 33.74 7.82
N LEU C 125 -13.30 33.65 8.95
CA LEU C 125 -13.78 34.29 10.17
C LEU C 125 -13.61 35.80 10.10
N LEU C 126 -12.47 36.27 9.59
CA LEU C 126 -12.17 37.70 9.53
C LEU C 126 -12.94 38.44 8.46
N LEU C 127 -13.56 37.73 7.52
CA LEU C 127 -14.29 38.38 6.43
C LEU C 127 -15.76 38.59 6.73
N ARG C 128 -16.29 37.96 7.78
CA ARG C 128 -17.70 38.12 8.13
C ARG C 128 -17.95 39.47 8.79
N ALA D 5 26.67 31.33 3.35
CA ALA D 5 27.42 31.81 2.20
C ALA D 5 26.47 32.30 1.10
N PRO D 6 26.85 33.38 0.42
CA PRO D 6 25.99 33.90 -0.65
C PRO D 6 25.84 32.95 -1.83
N LEU D 7 26.87 32.15 -2.12
CA LEU D 7 26.75 31.20 -3.22
C LEU D 7 25.79 30.07 -2.88
N ASN D 8 25.66 29.74 -1.59
CA ASN D 8 24.66 28.75 -1.18
C ASN D 8 23.25 29.25 -1.44
N PHE D 9 23.02 30.56 -1.24
CA PHE D 9 21.72 31.14 -1.60
C PHE D 9 21.50 31.06 -3.10
N ILE D 10 22.55 31.26 -3.90
CA ILE D 10 22.41 31.24 -5.35
C ILE D 10 22.10 29.83 -5.84
N ALA D 11 22.81 28.83 -5.32
CA ALA D 11 22.57 27.45 -5.73
C ALA D 11 21.16 27.01 -5.39
N ILE D 12 20.69 27.32 -4.18
CA ILE D 12 19.34 26.96 -3.78
C ILE D 12 18.32 27.72 -4.62
N GLY D 13 18.56 29.01 -4.86
CA GLY D 13 17.61 29.80 -5.62
C GLY D 13 17.46 29.35 -7.05
N ILE D 14 18.57 29.02 -7.71
CA ILE D 14 18.51 28.55 -9.08
C ILE D 14 17.81 27.20 -9.16
N GLY D 15 18.15 26.29 -8.25
CA GLY D 15 17.52 24.98 -8.26
C GLY D 15 16.04 25.05 -7.96
N ALA D 16 15.66 25.81 -6.94
CA ALA D 16 14.26 25.93 -6.56
C ALA D 16 13.44 26.57 -7.67
N THR D 17 14.03 27.53 -8.39
CA THR D 17 13.34 28.15 -9.51
C THR D 17 13.07 27.14 -10.62
N LEU D 18 14.07 26.32 -10.96
CA LEU D 18 13.88 25.30 -11.98
C LEU D 18 12.91 24.23 -11.52
N GLY D 19 12.95 23.86 -10.24
CA GLY D 19 12.04 22.85 -9.74
C GLY D 19 10.59 23.32 -9.73
N ALA D 20 10.37 24.58 -9.32
CA ALA D 20 9.01 25.13 -9.32
C ALA D 20 8.49 25.28 -10.74
N TRP D 21 9.34 25.68 -11.67
CA TRP D 21 8.93 25.77 -13.07
C TRP D 21 8.52 24.40 -13.62
N LEU D 22 9.28 23.36 -13.27
CA LEU D 22 8.92 22.02 -13.71
C LEU D 22 7.61 21.56 -13.08
N ARG D 23 7.43 21.83 -11.78
CA ARG D 23 6.17 21.49 -11.12
C ARG D 23 5.00 22.24 -11.74
N TRP D 24 5.20 23.52 -12.06
CA TRP D 24 4.13 24.33 -12.63
C TRP D 24 3.69 23.78 -13.99
N VAL D 25 4.65 23.51 -14.88
CA VAL D 25 4.31 23.02 -16.20
C VAL D 25 3.70 21.63 -16.12
N LEU D 26 4.21 20.78 -15.21
CA LEU D 26 3.62 19.47 -15.02
C LEU D 26 2.16 19.58 -14.59
N GLY D 27 1.83 20.59 -13.77
CA GLY D 27 0.45 20.79 -13.37
C GLY D 27 -0.42 21.26 -14.52
N LEU D 28 0.08 22.21 -15.31
CA LEU D 28 -0.70 22.73 -16.44
C LEU D 28 -0.97 21.65 -17.49
N LYS D 29 -0.10 20.65 -17.56
CA LYS D 29 -0.21 19.62 -18.59
C LYS D 29 -0.84 18.33 -18.10
N LEU D 30 -0.85 18.06 -16.80
CA LEU D 30 -1.30 16.78 -16.28
C LEU D 30 -2.43 16.87 -15.25
N ASN D 31 -2.57 17.98 -14.53
CA ASN D 31 -3.62 18.08 -13.52
C ASN D 31 -4.99 17.87 -14.15
N GLY D 32 -5.66 16.79 -13.74
CA GLY D 32 -6.89 16.38 -14.36
C GLY D 32 -8.11 17.11 -13.83
N ALA D 33 -9.27 16.73 -14.38
CA ALA D 33 -10.53 17.36 -13.98
C ALA D 33 -10.92 17.00 -12.56
N GLY D 34 -10.56 15.81 -12.09
CA GLY D 34 -10.92 15.38 -10.76
C GLY D 34 -9.76 14.83 -9.96
N TRP D 35 -8.65 14.54 -10.63
CA TRP D 35 -7.47 13.96 -9.98
C TRP D 35 -6.26 14.81 -10.34
N PRO D 36 -5.54 15.37 -9.36
CA PRO D 36 -4.35 16.18 -9.65
C PRO D 36 -3.14 15.33 -10.04
N TRP D 37 -3.13 14.90 -11.31
CA TRP D 37 -2.02 14.09 -11.81
C TRP D 37 -0.73 14.89 -11.87
N GLY D 38 -0.81 16.20 -12.10
CA GLY D 38 0.40 17.00 -12.18
C GLY D 38 1.11 17.10 -10.84
N THR D 39 0.35 17.37 -9.77
CA THR D 39 0.95 17.46 -8.45
C THR D 39 1.48 16.10 -7.98
N LEU D 40 0.74 15.04 -8.27
CA LEU D 40 1.18 13.70 -7.89
C LEU D 40 2.45 13.30 -8.65
N THR D 41 2.50 13.62 -9.95
CA THR D 41 3.68 13.28 -10.74
C THR D 41 4.92 14.01 -10.21
N ALA D 42 4.78 15.28 -9.87
CA ALA D 42 5.91 16.03 -9.33
C ALA D 42 6.40 15.44 -8.03
N ASN D 43 5.49 15.02 -7.15
CA ASN D 43 5.89 14.44 -5.88
C ASN D 43 6.49 13.05 -6.06
N LEU D 44 5.95 12.25 -6.98
CA LEU D 44 6.47 10.91 -7.20
C LEU D 44 7.84 10.96 -7.87
N VAL D 45 7.99 11.79 -8.90
CA VAL D 45 9.30 11.94 -9.54
C VAL D 45 10.29 12.54 -8.57
N GLY D 46 9.88 13.59 -7.84
CA GLY D 46 10.75 14.17 -6.84
C GLY D 46 11.10 13.19 -5.73
N GLY D 47 10.16 12.33 -5.36
CA GLY D 47 10.46 11.30 -4.38
C GLY D 47 11.45 10.28 -4.90
N TYR D 48 11.31 9.90 -6.17
CA TYR D 48 12.26 8.97 -6.77
C TYR D 48 13.63 9.60 -6.93
N LEU D 49 13.68 10.87 -7.33
CA LEU D 49 14.97 11.50 -7.60
C LEU D 49 15.75 11.79 -6.32
N ILE D 50 15.08 12.01 -5.20
CA ILE D 50 15.81 12.23 -3.96
C ILE D 50 16.42 10.94 -3.46
N GLY D 51 15.76 9.80 -3.73
CA GLY D 51 16.38 8.52 -3.44
C GLY D 51 17.63 8.29 -4.28
N VAL D 52 17.59 8.72 -5.55
CA VAL D 52 18.77 8.65 -6.40
C VAL D 52 19.87 9.56 -5.87
N MET D 53 19.50 10.80 -5.49
CA MET D 53 20.49 11.76 -5.04
C MET D 53 21.13 11.33 -3.72
N VAL D 54 20.33 10.84 -2.78
CA VAL D 54 20.87 10.40 -1.50
C VAL D 54 21.88 9.28 -1.70
N ALA D 55 21.58 8.33 -2.59
CA ALA D 55 22.53 7.25 -2.86
C ALA D 55 23.75 7.74 -3.64
N LEU D 56 23.56 8.74 -4.51
CA LEU D 56 24.71 9.29 -5.24
C LEU D 56 25.61 10.09 -4.32
N ILE D 57 25.03 10.82 -3.37
CA ILE D 57 25.84 11.61 -2.45
C ILE D 57 26.68 10.70 -1.56
N ALA D 58 26.11 9.56 -1.15
CA ALA D 58 26.86 8.63 -0.31
C ALA D 58 28.02 8.01 -1.07
N SER D 59 27.83 7.73 -2.36
CA SER D 59 28.90 7.16 -3.17
C SER D 59 29.84 8.22 -3.73
N HIS D 60 29.54 9.50 -3.55
CA HIS D 60 30.40 10.61 -3.98
C HIS D 60 30.56 11.59 -2.84
N PRO D 61 31.26 11.21 -1.77
CA PRO D 61 31.37 12.09 -0.60
C PRO D 61 32.18 13.35 -0.86
N GLU D 62 32.96 13.40 -1.94
CA GLU D 62 33.74 14.59 -2.27
C GLU D 62 32.93 15.65 -2.98
N TRP D 63 31.67 15.39 -3.30
CA TRP D 63 30.81 16.41 -3.88
C TRP D 63 30.58 17.53 -2.88
N PRO D 64 30.86 18.78 -3.22
CA PRO D 64 30.70 19.87 -2.26
C PRO D 64 29.23 20.11 -1.92
N ALA D 65 29.03 21.02 -0.96
CA ALA D 65 27.69 21.25 -0.43
C ALA D 65 26.78 21.93 -1.43
N TRP D 66 27.33 22.73 -2.36
CA TRP D 66 26.47 23.46 -3.28
C TRP D 66 25.79 22.53 -4.27
N ILE D 67 26.44 21.43 -4.64
CA ILE D 67 25.76 20.39 -5.41
C ILE D 67 24.58 19.83 -4.61
N ARG D 68 24.79 19.62 -3.32
CA ARG D 68 23.74 19.11 -2.45
C ARG D 68 22.58 20.09 -2.35
N LEU D 69 22.88 21.37 -2.13
CA LEU D 69 21.84 22.36 -1.92
C LEU D 69 21.09 22.66 -3.22
N ALA D 70 21.80 22.69 -4.35
CA ALA D 70 21.15 23.01 -5.61
C ALA D 70 20.27 21.87 -6.10
N ALA D 71 20.72 20.63 -5.91
CA ALA D 71 19.97 19.49 -6.42
C ALA D 71 18.81 19.12 -5.51
N VAL D 72 19.08 18.94 -4.21
CA VAL D 72 18.07 18.43 -3.28
C VAL D 72 17.30 19.57 -2.64
N THR D 73 18.02 20.42 -1.89
CA THR D 73 17.36 21.52 -1.19
C THR D 73 16.67 22.47 -2.17
N GLY D 74 17.27 22.68 -3.33
CA GLY D 74 16.70 23.59 -4.32
C GLY D 74 15.74 22.92 -5.28
N PHE D 75 16.29 22.14 -6.23
CA PHE D 75 15.48 21.60 -7.31
C PHE D 75 14.39 20.67 -6.78
N LEU D 76 14.78 19.67 -5.99
CA LEU D 76 13.79 18.73 -5.46
C LEU D 76 12.89 19.40 -4.44
N GLY D 77 13.42 20.33 -3.65
CA GLY D 77 12.60 21.08 -2.74
C GLY D 77 11.60 21.99 -3.45
N GLY D 78 11.92 22.39 -4.67
CA GLY D 78 11.01 23.21 -5.45
C GLY D 78 10.08 22.39 -6.31
N LEU D 79 10.53 21.20 -6.71
CA LEU D 79 9.71 20.35 -7.56
C LEU D 79 8.55 19.74 -6.79
N THR D 80 8.84 19.17 -5.62
CA THR D 80 7.79 18.60 -4.80
C THR D 80 7.07 19.70 -4.02
N THR D 81 5.94 19.33 -3.42
CA THR D 81 5.14 20.30 -2.67
C THR D 81 4.26 19.55 -1.69
N PHE D 82 4.18 20.09 -0.46
CA PHE D 82 3.27 19.57 0.54
C PHE D 82 2.02 20.42 0.69
N SER D 83 2.14 21.74 0.52
CA SER D 83 1.00 22.63 0.68
C SER D 83 -0.02 22.43 -0.44
N THR D 84 0.45 22.35 -1.68
CA THR D 84 -0.47 22.11 -2.81
C THR D 84 -1.21 20.79 -2.62
N PHE D 85 -0.48 19.73 -2.23
CA PHE D 85 -1.13 18.47 -1.91
C PHE D 85 -2.13 18.62 -0.76
N SER D 86 -1.81 19.48 0.21
CA SER D 86 -2.69 19.65 1.36
C SER D 86 -3.98 20.37 0.97
N ALA D 87 -3.87 21.43 0.16
CA ALA D 87 -5.07 22.14 -0.27
C ALA D 87 -5.93 21.29 -1.19
N GLU D 88 -5.30 20.48 -2.05
CA GLU D 88 -6.05 19.57 -2.89
C GLU D 88 -6.79 18.53 -2.06
N THR D 89 -6.13 17.99 -1.02
CA THR D 89 -6.76 16.99 -0.18
C THR D 89 -7.89 17.60 0.65
N VAL D 90 -7.68 18.81 1.17
CA VAL D 90 -8.72 19.48 1.93
C VAL D 90 -9.92 19.80 1.03
N ASP D 91 -9.66 20.18 -0.22
CA ASP D 91 -10.75 20.45 -1.15
C ASP D 91 -11.55 19.18 -1.45
N MET D 92 -10.87 18.05 -1.59
CA MET D 92 -11.58 16.78 -1.80
C MET D 92 -12.39 16.40 -0.57
N LEU D 93 -11.86 16.66 0.63
CA LEU D 93 -12.59 16.32 1.85
C LEU D 93 -13.83 17.19 2.01
N CYS D 94 -13.74 18.47 1.64
CA CYS D 94 -14.91 19.34 1.74
C CYS D 94 -16.00 18.92 0.77
N ARG D 95 -15.64 18.35 -0.37
CA ARG D 95 -16.64 17.87 -1.33
C ARG D 95 -17.35 16.62 -0.84
N GLY D 96 -16.77 15.89 0.10
CA GLY D 96 -17.37 14.68 0.62
C GLY D 96 -16.89 13.40 0.00
N VAL D 97 -15.93 13.45 -0.92
CA VAL D 97 -15.38 12.25 -1.55
C VAL D 97 -14.22 11.74 -0.69
N TYR D 98 -14.54 11.15 0.46
CA TYR D 98 -13.51 10.71 1.40
C TYR D 98 -12.66 9.59 0.81
N ALA D 99 -13.29 8.67 0.08
CA ALA D 99 -12.52 7.58 -0.53
C ALA D 99 -11.54 8.09 -1.58
N THR D 100 -11.89 9.17 -2.28
CA THR D 100 -10.96 9.77 -3.23
C THR D 100 -9.85 10.50 -2.51
N ALA D 101 -10.17 11.22 -1.44
CA ALA D 101 -9.15 11.93 -0.68
C ALA D 101 -8.22 10.95 0.03
N ALA D 102 -8.76 9.84 0.54
CA ALA D 102 -7.92 8.82 1.16
C ALA D 102 -7.02 8.16 0.12
N ALA D 103 -7.52 7.98 -1.10
CA ALA D 103 -6.71 7.42 -2.16
C ALA D 103 -5.62 8.38 -2.62
N TYR D 104 -5.91 9.69 -2.62
CA TYR D 104 -4.91 10.66 -3.03
C TYR D 104 -3.85 10.85 -1.97
N ALA D 105 -4.24 10.85 -0.70
CA ALA D 105 -3.26 10.94 0.38
C ALA D 105 -2.42 9.67 0.48
N GLY D 106 -3.04 8.52 0.23
CA GLY D 106 -2.29 7.27 0.24
C GLY D 106 -1.33 7.15 -0.93
N ALA D 107 -1.79 7.56 -2.12
CA ALA D 107 -0.92 7.51 -3.30
C ALA D 107 0.23 8.50 -3.19
N SER D 108 0.01 9.63 -2.53
CA SER D 108 1.08 10.61 -2.37
C SER D 108 2.06 10.20 -1.28
N LEU D 109 1.55 9.74 -0.14
CA LEU D 109 2.42 9.35 0.96
C LEU D 109 3.13 8.02 0.66
N ALA D 110 2.36 6.94 0.51
CA ALA D 110 2.97 5.63 0.27
C ALA D 110 3.69 5.59 -1.07
N GLY D 111 3.21 6.34 -2.06
CA GLY D 111 3.86 6.34 -3.36
C GLY D 111 5.21 7.04 -3.33
N SER D 112 5.30 8.17 -2.61
CA SER D 112 6.57 8.88 -2.54
C SER D 112 7.61 8.08 -1.76
N LEU D 113 7.19 7.38 -0.71
CA LEU D 113 8.12 6.56 0.05
C LEU D 113 8.63 5.39 -0.79
N ALA D 114 7.76 4.81 -1.62
CA ALA D 114 8.19 3.72 -2.49
C ALA D 114 9.12 4.23 -3.59
N MET D 115 8.84 5.41 -4.13
CA MET D 115 9.72 5.98 -5.15
C MET D 115 11.11 6.27 -4.58
N THR D 116 11.17 6.75 -3.34
CA THR D 116 12.47 6.99 -2.72
C THR D 116 13.25 5.70 -2.52
N GLY D 117 12.56 4.64 -2.07
CA GLY D 117 13.21 3.35 -1.96
C GLY D 117 13.66 2.80 -3.31
N LEU D 118 12.86 3.03 -4.36
CA LEU D 118 13.26 2.63 -5.69
C LEU D 118 14.41 3.48 -6.22
N GLY D 119 14.47 4.75 -5.82
CA GLY D 119 15.60 5.57 -6.21
C GLY D 119 16.89 5.14 -5.54
N LEU D 120 16.81 4.78 -4.25
CA LEU D 120 17.97 4.24 -3.55
C LEU D 120 18.41 2.91 -4.16
N ALA D 121 17.44 2.03 -4.42
CA ALA D 121 17.76 0.71 -4.98
C ALA D 121 18.30 0.82 -6.40
N THR D 122 17.88 1.84 -7.15
CA THR D 122 18.35 1.99 -8.52
C THR D 122 19.85 2.25 -8.57
N VAL D 123 20.33 3.19 -7.74
CA VAL D 123 21.76 3.50 -7.71
C VAL D 123 22.54 2.34 -7.10
N ARG D 124 22.00 1.73 -6.04
CA ARG D 124 22.68 0.59 -5.41
C ARG D 124 22.78 -0.59 -6.36
N LEU D 125 21.80 -0.75 -7.25
CA LEU D 125 21.86 -1.85 -8.23
C LEU D 125 22.86 -1.55 -9.34
N LEU D 126 22.92 -0.30 -9.79
CA LEU D 126 23.84 0.08 -10.85
C LEU D 126 25.29 0.12 -10.39
N LEU D 127 25.54 0.02 -9.08
CA LEU D 127 26.89 0.01 -8.54
C LEU D 127 27.39 -1.38 -8.18
N ARG D 128 26.50 -2.38 -8.13
CA ARG D 128 26.91 -3.74 -7.85
C ARG D 128 27.60 -4.36 -9.07
N SER E 3 -17.83 39.21 -7.43
CA SER E 3 -17.77 38.42 -6.20
C SER E 3 -17.50 36.95 -6.51
N SER E 4 -18.46 36.29 -7.13
CA SER E 4 -18.33 34.89 -7.49
C SER E 4 -17.86 34.75 -8.92
N VAL E 5 -17.26 33.59 -9.22
CA VAL E 5 -16.81 33.24 -10.56
C VAL E 5 -17.41 31.88 -10.91
N PRO E 6 -18.23 31.77 -11.98
CA PRO E 6 -18.65 32.85 -12.89
C PRO E 6 -19.54 33.91 -12.22
N THR E 7 -19.61 35.09 -12.82
CA THR E 7 -20.40 36.16 -12.24
C THR E 7 -21.89 35.97 -12.46
N LYS E 8 -22.29 35.33 -13.56
CA LYS E 8 -23.69 35.12 -13.87
C LYS E 8 -23.93 33.68 -14.31
N LEU E 9 -25.10 33.17 -13.95
CA LEU E 9 -25.51 31.81 -14.30
C LEU E 9 -26.94 31.87 -14.81
N GLU E 10 -27.15 31.39 -16.04
CA GLU E 10 -28.44 31.51 -16.71
C GLU E 10 -28.84 30.18 -17.32
N VAL E 11 -30.14 29.98 -17.45
CA VAL E 11 -30.72 28.81 -18.10
C VAL E 11 -31.23 29.26 -19.47
N VAL E 12 -30.56 28.80 -20.53
CA VAL E 12 -30.95 29.22 -21.88
C VAL E 12 -32.00 28.30 -22.49
N ALA E 13 -31.99 27.02 -22.12
CA ALA E 13 -32.98 26.07 -22.62
C ALA E 13 -33.26 25.05 -21.53
N ALA E 14 -34.49 24.54 -21.53
CA ALA E 14 -34.92 23.65 -20.47
C ALA E 14 -35.85 22.58 -21.03
N THR E 15 -35.94 21.48 -20.28
CA THR E 15 -36.77 20.32 -20.60
C THR E 15 -37.25 19.77 -19.27
N PRO E 16 -38.45 19.17 -19.22
CA PRO E 16 -38.96 18.62 -17.95
C PRO E 16 -37.97 17.76 -17.18
N THR E 17 -36.91 17.26 -17.84
CA THR E 17 -35.90 16.46 -17.16
C THR E 17 -34.47 16.92 -17.44
N SER E 18 -34.29 18.10 -18.04
CA SER E 18 -32.93 18.55 -18.35
C SER E 18 -32.90 20.05 -18.48
N LEU E 19 -31.67 20.60 -18.43
CA LEU E 19 -31.43 22.02 -18.60
C LEU E 19 -30.14 22.22 -19.38
N LEU E 20 -29.99 23.42 -19.94
CA LEU E 20 -28.74 23.88 -20.55
C LEU E 20 -28.39 25.19 -19.87
N ILE E 21 -27.41 25.16 -18.97
CA ILE E 21 -27.00 26.35 -18.24
C ILE E 21 -25.86 27.02 -19.00
N SER E 22 -25.74 28.33 -18.81
CA SER E 22 -24.74 29.13 -19.52
C SER E 22 -24.15 30.16 -18.58
N TRP E 23 -22.85 30.43 -18.74
CA TRP E 23 -22.16 31.42 -17.95
C TRP E 23 -21.13 32.12 -18.83
N ASP E 24 -20.51 33.16 -18.28
CA ASP E 24 -19.50 33.91 -19.01
C ASP E 24 -18.19 33.13 -19.08
N ALA E 25 -17.56 33.12 -20.25
CA ALA E 25 -16.32 32.41 -20.47
C ALA E 25 -15.15 33.33 -20.15
N TYR E 26 -14.36 32.97 -19.14
CA TYR E 26 -13.18 33.72 -18.73
C TYR E 26 -11.95 33.06 -19.34
N TYR E 27 -11.23 33.80 -20.19
CA TYR E 27 -10.11 33.23 -20.90
C TYR E 27 -8.98 32.86 -19.94
N ASP E 28 -8.41 31.67 -20.13
CA ASP E 28 -7.52 31.06 -19.17
C ASP E 28 -8.16 31.16 -17.79
N GLU E 29 -7.38 31.55 -16.77
CA GLU E 29 -7.93 31.85 -15.45
C GLU E 29 -8.67 30.68 -14.82
N VAL E 30 -9.38 29.89 -15.61
CA VAL E 30 -10.15 28.76 -15.12
C VAL E 30 -9.58 27.50 -15.78
N MET E 31 -9.05 26.60 -14.96
CA MET E 31 -8.54 25.33 -15.49
C MET E 31 -9.68 24.36 -15.80
N TYR E 32 -10.67 24.28 -14.92
CA TYR E 32 -11.86 23.48 -15.17
C TYR E 32 -12.99 24.00 -14.29
N TYR E 33 -14.21 23.72 -14.72
CA TYR E 33 -15.41 24.04 -13.94
C TYR E 33 -15.95 22.75 -13.31
N ARG E 34 -16.31 22.84 -12.04
CA ARG E 34 -16.95 21.73 -11.32
C ARG E 34 -18.42 22.08 -11.13
N ILE E 35 -19.30 21.26 -11.72
CA ILE E 35 -20.75 21.48 -11.66
C ILE E 35 -21.36 20.53 -10.65
N THR E 36 -22.23 21.07 -9.80
CA THR E 36 -22.87 20.29 -8.74
C THR E 36 -24.36 20.55 -8.78
N TYR E 37 -25.16 19.48 -8.73
CA TYR E 37 -26.61 19.61 -8.73
C TYR E 37 -27.22 18.51 -7.89
N GLY E 38 -28.35 18.83 -7.27
CA GLY E 38 -29.07 17.88 -6.44
C GLY E 38 -30.29 18.53 -5.84
N GLU E 39 -31.10 17.70 -5.19
CA GLU E 39 -32.32 18.20 -4.56
C GLU E 39 -31.98 19.17 -3.43
N THR E 40 -32.74 20.26 -3.36
CA THR E 40 -32.51 21.28 -2.35
C THR E 40 -32.81 20.75 -0.94
N SER E 44 -29.88 13.29 0.50
CA SER E 44 -29.30 12.74 -0.73
C SER E 44 -28.08 13.55 -1.17
N PRO E 45 -26.94 12.86 -1.33
CA PRO E 45 -25.73 13.56 -1.77
C PRO E 45 -25.89 14.17 -3.16
N VAL E 46 -25.03 15.15 -3.44
CA VAL E 46 -25.09 15.89 -4.68
C VAL E 46 -24.32 15.16 -5.77
N GLN E 47 -24.73 15.35 -7.02
CA GLN E 47 -24.03 14.80 -8.16
C GLN E 47 -23.04 15.81 -8.71
N GLU E 48 -21.94 15.29 -9.27
CA GLU E 48 -20.85 16.12 -9.75
C GLU E 48 -20.41 15.69 -11.15
N PHE E 49 -19.95 16.67 -11.92
CA PHE E 49 -19.22 16.42 -13.16
C PHE E 49 -18.37 17.64 -13.45
N THR E 50 -17.55 17.54 -14.50
CA THR E 50 -16.59 18.58 -14.82
C THR E 50 -16.63 18.89 -16.31
N VAL E 51 -16.48 20.17 -16.65
CA VAL E 51 -16.36 20.62 -18.04
C VAL E 51 -15.06 21.38 -18.18
N PRO E 52 -14.45 21.43 -19.36
CA PRO E 52 -13.17 22.13 -19.51
C PRO E 52 -13.29 23.61 -19.19
N GLY E 53 -12.15 24.22 -18.87
CA GLY E 53 -12.11 25.63 -18.51
C GLY E 53 -12.47 26.57 -19.65
N SER E 54 -12.41 26.09 -20.90
CA SER E 54 -12.76 26.92 -22.04
C SER E 54 -14.26 26.94 -22.30
N SER E 55 -15.00 25.98 -21.77
CA SER E 55 -16.43 25.90 -22.02
C SER E 55 -17.17 26.96 -21.21
N SER E 56 -18.31 27.39 -21.75
CA SER E 56 -19.16 28.38 -21.09
C SER E 56 -20.58 27.89 -20.87
N THR E 57 -20.89 26.63 -21.21
CA THR E 57 -22.21 26.06 -21.02
C THR E 57 -22.07 24.66 -20.45
N ALA E 58 -23.20 24.10 -20.03
CA ALA E 58 -23.22 22.75 -19.47
C ALA E 58 -24.65 22.21 -19.55
N THR E 59 -24.76 20.93 -19.89
CA THR E 59 -26.05 20.26 -19.97
C THR E 59 -26.21 19.34 -18.75
N ILE E 60 -27.31 19.54 -18.02
CA ILE E 60 -27.64 18.71 -16.87
C ILE E 60 -28.95 18.00 -17.20
N SER E 61 -28.88 16.68 -17.37
CA SER E 61 -30.03 15.88 -17.76
C SER E 61 -30.30 14.81 -16.70
N GLY E 62 -31.29 13.97 -16.98
CA GLY E 62 -31.66 12.91 -16.05
C GLY E 62 -32.27 13.40 -14.76
N LEU E 63 -32.96 14.54 -14.80
CA LEU E 63 -33.57 15.10 -13.60
C LEU E 63 -35.02 14.63 -13.47
N LYS E 64 -35.58 14.84 -12.28
CA LYS E 64 -36.94 14.42 -11.99
C LYS E 64 -37.89 15.59 -12.15
N PRO E 65 -39.02 15.40 -12.84
CA PRO E 65 -39.92 16.53 -13.08
C PRO E 65 -40.59 17.01 -11.82
N GLY E 66 -40.81 18.33 -11.74
CA GLY E 66 -41.47 18.92 -10.60
C GLY E 66 -40.67 18.90 -9.31
N VAL E 67 -39.35 18.72 -9.40
CA VAL E 67 -38.49 18.63 -8.23
C VAL E 67 -37.52 19.81 -8.23
N ASP E 68 -37.31 20.40 -7.05
CA ASP E 68 -36.38 21.50 -6.91
C ASP E 68 -34.94 21.00 -6.97
N TYR E 69 -34.09 21.77 -7.65
CA TYR E 69 -32.67 21.45 -7.76
C TYR E 69 -31.84 22.69 -7.53
N THR E 70 -30.68 22.52 -6.90
CA THR E 70 -29.71 23.59 -6.69
C THR E 70 -28.51 23.33 -7.58
N ILE E 71 -28.27 24.24 -8.52
CA ILE E 71 -27.16 24.12 -9.47
C ILE E 71 -26.03 25.03 -9.00
N THR E 72 -24.86 24.44 -8.73
CA THR E 72 -23.70 25.20 -8.28
C THR E 72 -22.55 24.98 -9.24
N VAL E 73 -21.86 26.08 -9.58
CA VAL E 73 -20.74 26.07 -10.50
C VAL E 73 -19.50 26.54 -9.76
N TYR E 74 -18.43 25.73 -9.81
CA TYR E 74 -17.15 26.06 -9.20
C TYR E 74 -16.12 26.31 -10.29
N ALA E 75 -15.47 27.47 -10.23
CA ALA E 75 -14.46 27.85 -11.21
C ALA E 75 -13.08 27.65 -10.57
N TYR E 76 -12.40 26.58 -10.96
CA TYR E 76 -11.08 26.25 -10.42
C TYR E 76 -10.01 26.95 -11.25
N TYR E 77 -9.34 27.92 -10.62
CA TYR E 77 -8.18 28.54 -11.25
C TYR E 77 -6.97 27.63 -11.23
N ASP E 78 -6.95 26.64 -10.33
CA ASP E 78 -5.86 25.69 -10.23
C ASP E 78 -6.40 24.45 -9.52
N SER E 79 -5.54 23.46 -9.35
CA SER E 79 -5.97 22.20 -8.73
C SER E 79 -6.24 22.34 -7.24
N TYR E 80 -5.68 23.36 -6.58
CA TYR E 80 -5.73 23.46 -5.14
C TYR E 80 -6.84 24.38 -4.61
N GLY E 81 -7.54 25.09 -5.49
CA GLY E 81 -8.55 26.03 -5.02
C GLY E 81 -9.44 26.50 -6.13
N HIS E 82 -10.58 27.07 -5.72
CA HIS E 82 -11.57 27.61 -6.64
C HIS E 82 -12.08 28.93 -6.09
N TRP E 83 -12.58 29.77 -7.00
CA TRP E 83 -13.21 31.01 -6.57
C TRP E 83 -14.55 30.74 -5.90
N SER E 84 -15.16 31.79 -5.37
CA SER E 84 -16.47 31.66 -4.74
C SER E 84 -17.48 31.14 -5.75
N PRO E 85 -18.22 30.08 -5.44
CA PRO E 85 -19.16 29.52 -6.41
C PRO E 85 -20.43 30.36 -6.54
N ILE E 86 -21.14 30.13 -7.63
CA ILE E 86 -22.42 30.77 -7.90
C ILE E 86 -23.48 29.69 -8.05
N SER E 87 -24.65 29.92 -7.46
CA SER E 87 -25.70 28.92 -7.39
C SER E 87 -27.03 29.51 -7.83
N ILE E 88 -27.87 28.64 -8.41
CA ILE E 88 -29.26 28.96 -8.73
C ILE E 88 -30.13 27.77 -8.34
N ASN E 89 -31.41 28.05 -8.18
CA ASN E 89 -32.41 27.02 -7.90
C ASN E 89 -33.39 26.95 -9.07
N TYR E 90 -33.85 25.73 -9.37
CA TYR E 90 -34.70 25.52 -10.53
C TYR E 90 -35.64 24.36 -10.29
N ARG E 91 -36.89 24.51 -10.71
CA ARG E 91 -37.88 23.44 -10.69
C ARG E 91 -38.00 22.86 -12.10
N THR E 92 -37.76 21.56 -12.22
CA THR E 92 -37.84 20.88 -13.51
C THR E 92 -39.29 20.72 -13.97
N SER F 3 10.55 -37.65 19.69
CA SER F 3 9.52 -36.75 20.23
C SER F 3 9.75 -35.32 19.73
N SER F 4 10.87 -34.72 20.14
CA SER F 4 11.24 -33.38 19.72
C SER F 4 12.30 -33.45 18.63
N VAL F 5 12.31 -32.43 17.78
CA VAL F 5 13.30 -32.29 16.72
C VAL F 5 13.98 -30.94 16.90
N PRO F 6 15.31 -30.88 17.11
CA PRO F 6 16.24 -32.01 17.20
C PRO F 6 15.98 -32.92 18.41
N THR F 7 16.43 -34.17 18.33
CA THR F 7 16.25 -35.11 19.43
C THR F 7 17.27 -34.90 20.54
N LYS F 8 18.48 -34.50 20.19
CA LYS F 8 19.56 -34.29 21.15
C LYS F 8 20.11 -32.88 20.97
N LEU F 9 20.53 -32.29 22.08
CA LEU F 9 21.09 -30.93 22.07
C LEU F 9 22.17 -30.85 23.14
N GLU F 10 23.41 -30.64 22.72
CA GLU F 10 24.53 -30.59 23.65
C GLU F 10 25.44 -29.43 23.30
N VAL F 11 26.19 -28.98 24.31
CA VAL F 11 27.17 -27.91 24.17
C VAL F 11 28.55 -28.54 23.96
N VAL F 12 29.16 -28.29 22.80
CA VAL F 12 30.45 -28.87 22.50
C VAL F 12 31.61 -28.02 23.04
N ALA F 13 31.45 -26.69 23.05
CA ALA F 13 32.47 -25.79 23.55
C ALA F 13 31.80 -24.62 24.24
N ALA F 14 32.51 -24.03 25.20
CA ALA F 14 31.97 -22.94 25.98
C ALA F 14 33.01 -21.83 26.13
N THR F 15 32.51 -20.63 26.40
CA THR F 15 33.29 -19.42 26.60
C THR F 15 32.59 -18.64 27.69
N PRO F 16 33.35 -17.90 28.53
CA PRO F 16 32.72 -17.12 29.63
C PRO F 16 31.47 -16.35 29.24
N THR F 17 31.35 -15.95 27.97
CA THR F 17 30.19 -15.21 27.51
C THR F 17 29.48 -15.83 26.31
N SER F 18 29.99 -16.92 25.74
CA SER F 18 29.38 -17.51 24.57
C SER F 18 29.42 -19.03 24.65
N LEU F 19 28.55 -19.67 23.86
CA LEU F 19 28.45 -21.11 23.82
C LEU F 19 28.32 -21.57 22.38
N LEU F 20 28.65 -22.83 22.14
CA LEU F 20 28.45 -23.48 20.84
C LEU F 20 27.63 -24.73 21.09
N ILE F 21 26.32 -24.65 20.82
CA ILE F 21 25.45 -25.81 20.97
C ILE F 21 25.56 -26.68 19.72
N SER F 22 25.08 -27.91 19.82
CA SER F 22 25.18 -28.86 18.71
C SER F 22 24.01 -29.83 18.76
N TRP F 23 23.60 -30.26 17.57
CA TRP F 23 22.51 -31.23 17.43
C TRP F 23 22.73 -32.03 16.17
N ASP F 24 21.95 -33.09 16.00
CA ASP F 24 22.00 -33.93 14.80
C ASP F 24 21.02 -33.36 13.79
N ALA F 25 21.54 -32.70 12.76
CA ALA F 25 20.72 -32.10 11.72
C ALA F 25 20.34 -33.15 10.68
N TYR F 26 19.05 -33.25 10.39
CA TYR F 26 18.53 -34.22 9.44
C TYR F 26 18.46 -33.60 8.05
N TYR F 27 18.89 -34.36 7.06
CA TYR F 27 19.12 -33.81 5.73
C TYR F 27 17.81 -33.53 5.02
N ASP F 28 17.70 -32.31 4.48
CA ASP F 28 16.62 -31.88 3.60
C ASP F 28 15.26 -31.82 4.28
N GLU F 29 15.19 -32.08 5.59
CA GLU F 29 13.91 -32.05 6.29
C GLU F 29 13.65 -30.74 7.02
N VAL F 30 14.69 -30.04 7.47
CA VAL F 30 14.53 -28.78 8.18
C VAL F 30 14.83 -27.64 7.20
N MET F 31 13.87 -26.72 7.05
CA MET F 31 14.11 -25.55 6.23
C MET F 31 15.01 -24.55 6.94
N TYR F 32 14.72 -24.28 8.21
CA TYR F 32 15.57 -23.43 9.03
C TYR F 32 15.29 -23.74 10.49
N TYR F 33 16.27 -23.40 11.33
CA TYR F 33 16.12 -23.54 12.77
C TYR F 33 15.91 -22.16 13.39
N ARG F 34 15.04 -22.10 14.40
CA ARG F 34 14.84 -20.88 15.18
C ARG F 34 15.37 -21.12 16.58
N ILE F 35 16.32 -20.29 16.99
CA ILE F 35 16.99 -20.42 18.29
C ILE F 35 16.51 -19.29 19.19
N THR F 36 16.04 -19.62 20.38
CA THR F 36 15.67 -18.66 21.40
C THR F 36 16.49 -18.92 22.66
N TYR F 37 16.92 -17.85 23.31
CA TYR F 37 17.68 -17.97 24.55
C TYR F 37 17.42 -16.75 25.41
N GLY F 38 17.34 -16.98 26.72
CA GLY F 38 17.12 -15.90 27.67
C GLY F 38 17.27 -16.42 29.08
N GLU F 39 17.29 -15.49 30.03
CA GLU F 39 17.43 -15.84 31.43
C GLU F 39 16.19 -16.58 31.92
N THR F 40 16.42 -17.60 32.75
CA THR F 40 15.33 -18.41 33.28
C THR F 40 14.42 -17.61 34.19
N PRO F 45 13.27 -9.22 26.62
CA PRO F 45 12.89 -10.56 27.06
C PRO F 45 13.81 -11.65 26.52
N VAL F 46 13.29 -12.46 25.61
CA VAL F 46 14.05 -13.56 25.01
C VAL F 46 14.56 -13.12 23.64
N GLN F 47 15.82 -13.41 23.36
CA GLN F 47 16.42 -13.09 22.07
C GLN F 47 16.25 -14.26 21.10
N GLU F 48 16.17 -13.91 19.82
CA GLU F 48 15.94 -14.90 18.76
C GLU F 48 16.94 -14.71 17.64
N PHE F 49 17.26 -15.81 16.96
CA PHE F 49 17.99 -15.77 15.70
C PHE F 49 17.74 -17.08 14.98
N THR F 50 18.08 -17.11 13.70
CA THR F 50 17.83 -18.27 12.86
C THR F 50 19.12 -18.72 12.17
N VAL F 51 19.18 -20.01 11.88
CA VAL F 51 20.30 -20.60 11.14
C VAL F 51 19.71 -21.47 10.03
N PRO F 52 20.42 -21.70 8.93
CA PRO F 52 19.86 -22.52 7.84
C PRO F 52 19.56 -23.93 8.30
N GLY F 53 18.64 -24.57 7.57
CA GLY F 53 18.22 -25.92 7.92
C GLY F 53 19.29 -26.98 7.70
N SER F 54 20.24 -26.72 6.81
CA SER F 54 21.31 -27.68 6.56
C SER F 54 22.40 -27.66 7.63
N SER F 55 22.44 -26.60 8.43
CA SER F 55 23.53 -26.39 9.37
C SER F 55 23.15 -26.90 10.76
N SER F 56 24.01 -27.72 11.33
CA SER F 56 23.96 -27.99 12.76
C SER F 56 24.84 -26.98 13.49
N THR F 57 24.74 -26.99 14.81
CA THR F 57 25.48 -26.11 15.70
C THR F 57 25.11 -24.64 15.51
N ALA F 58 25.19 -23.87 16.60
CA ALA F 58 24.90 -22.44 16.55
C ALA F 58 25.65 -21.77 17.70
N THR F 59 26.19 -20.59 17.42
CA THR F 59 26.94 -19.83 18.41
C THR F 59 26.00 -18.86 19.13
N ILE F 60 25.89 -19.00 20.44
CA ILE F 60 25.09 -18.12 21.28
C ILE F 60 26.04 -17.30 22.12
N SER F 61 26.19 -16.02 21.78
CA SER F 61 27.13 -15.13 22.44
C SER F 61 26.38 -14.05 23.21
N GLY F 62 27.15 -13.20 23.90
CA GLY F 62 26.56 -12.13 24.67
C GLY F 62 25.88 -12.56 25.95
N LEU F 63 26.31 -13.68 26.53
CA LEU F 63 25.70 -14.19 27.75
C LEU F 63 26.40 -13.62 28.99
N LYS F 64 25.66 -13.57 30.09
CA LYS F 64 26.25 -13.07 31.33
C LYS F 64 26.74 -14.22 32.20
N PRO F 65 27.90 -14.06 32.82
CA PRO F 65 28.47 -15.16 33.61
C PRO F 65 27.65 -15.44 34.88
N GLY F 66 27.62 -16.73 35.24
CA GLY F 66 26.93 -17.15 36.45
C GLY F 66 25.43 -17.10 36.40
N VAL F 67 24.84 -16.91 35.21
CA VAL F 67 23.40 -16.80 35.05
C VAL F 67 22.89 -18.01 34.30
N ASP F 68 21.73 -18.53 34.73
CA ASP F 68 21.10 -19.65 34.04
C ASP F 68 20.36 -19.14 32.81
N TYR F 69 20.55 -19.83 31.69
CA TYR F 69 19.90 -19.48 30.43
C TYR F 69 19.13 -20.69 29.91
N THR F 70 17.93 -20.44 29.39
CA THR F 70 17.13 -21.45 28.72
C THR F 70 17.31 -21.30 27.22
N ILE F 71 17.83 -22.34 26.58
CA ILE F 71 18.10 -22.34 25.14
C ILE F 71 17.11 -23.30 24.49
N THR F 72 16.36 -22.81 23.52
CA THR F 72 15.34 -23.59 22.82
C THR F 72 15.60 -23.57 21.33
N VAL F 73 15.52 -24.74 20.70
CA VAL F 73 15.74 -24.89 19.27
C VAL F 73 14.45 -25.35 18.61
N TYR F 74 14.02 -24.63 17.58
CA TYR F 74 12.82 -24.98 16.81
C TYR F 74 13.25 -25.41 15.42
N ALA F 75 12.80 -26.59 14.99
CA ALA F 75 13.10 -27.12 13.67
C ALA F 75 11.89 -26.91 12.77
N TYR F 76 11.98 -25.97 11.85
CA TYR F 76 10.89 -25.65 10.93
C TYR F 76 11.03 -26.50 9.67
N TYR F 77 10.16 -27.49 9.53
CA TYR F 77 10.13 -28.28 8.29
C TYR F 77 9.58 -27.47 7.12
N ASP F 78 8.83 -26.41 7.40
CA ASP F 78 8.31 -25.51 6.38
C ASP F 78 8.00 -24.18 7.06
N SER F 79 7.39 -23.26 6.30
CA SER F 79 7.12 -21.93 6.83
C SER F 79 5.96 -21.92 7.82
N TYR F 80 5.08 -22.92 7.76
CA TYR F 80 3.84 -22.89 8.54
C TYR F 80 3.89 -23.68 9.83
N GLY F 81 4.97 -24.43 10.08
CA GLY F 81 4.99 -25.27 11.27
C GLY F 81 6.38 -25.76 11.61
N HIS F 82 6.53 -26.15 12.87
CA HIS F 82 7.77 -26.71 13.39
C HIS F 82 7.44 -27.90 14.26
N TRP F 83 8.40 -28.81 14.39
CA TRP F 83 8.24 -29.92 15.32
C TRP F 83 8.34 -29.41 16.76
N SER F 84 8.07 -30.31 17.70
CA SER F 84 8.19 -29.96 19.11
C SER F 84 9.61 -29.55 19.41
N PRO F 85 9.83 -28.41 20.07
CA PRO F 85 11.19 -27.93 20.31
C PRO F 85 11.89 -28.72 21.41
N ILE F 86 13.20 -28.52 21.49
CA ILE F 86 14.03 -29.11 22.54
C ILE F 86 14.73 -27.98 23.27
N SER F 87 14.80 -28.09 24.60
CA SER F 87 15.33 -27.03 25.43
C SER F 87 16.32 -27.59 26.44
N ILE F 88 17.34 -26.78 26.76
CA ILE F 88 18.28 -27.08 27.83
C ILE F 88 18.47 -25.82 28.66
N ASN F 89 18.79 -26.01 29.94
CA ASN F 89 19.20 -24.94 30.82
C ASN F 89 20.70 -25.04 31.07
N TYR F 90 21.39 -23.91 31.04
CA TYR F 90 22.84 -23.89 31.12
C TYR F 90 23.31 -22.76 32.02
N ARG F 91 24.29 -23.05 32.86
CA ARG F 91 24.95 -22.05 33.70
C ARG F 91 26.22 -21.58 33.01
N THR F 92 26.28 -20.31 32.66
CA THR F 92 27.45 -19.74 32.02
C THR F 92 28.62 -19.64 32.99
N SER G 1 39.16 9.35 -3.56
CA SER G 1 39.77 8.42 -2.63
C SER G 1 38.94 8.29 -1.35
N VAL G 2 38.09 9.29 -1.11
CA VAL G 2 37.21 9.27 0.05
C VAL G 2 36.05 8.32 -0.20
N SER G 3 35.83 7.40 0.74
CA SER G 3 34.73 6.44 0.62
C SER G 3 33.70 6.66 1.72
N SER G 4 34.03 6.32 2.97
CA SER G 4 33.10 6.50 4.08
C SER G 4 33.41 7.80 4.82
N VAL G 5 32.38 8.36 5.45
CA VAL G 5 32.52 9.53 6.31
C VAL G 5 31.90 9.18 7.66
N PRO G 6 32.67 9.23 8.77
CA PRO G 6 34.08 9.59 8.87
C PRO G 6 35.03 8.63 8.16
N THR G 7 36.24 9.10 7.87
CA THR G 7 37.20 8.29 7.11
C THR G 7 37.91 7.27 7.98
N LYS G 8 38.08 7.56 9.27
CA LYS G 8 38.74 6.64 10.17
C LYS G 8 37.96 6.57 11.47
N LEU G 9 37.94 5.38 12.07
CA LEU G 9 37.24 5.15 13.33
C LEU G 9 38.05 4.15 14.15
N GLU G 10 38.27 4.47 15.42
CA GLU G 10 39.06 3.60 16.29
C GLU G 10 38.56 3.70 17.72
N VAL G 11 38.75 2.61 18.47
CA VAL G 11 38.55 2.61 19.91
C VAL G 11 39.88 3.01 20.55
N VAL G 12 39.92 4.23 21.12
CA VAL G 12 41.16 4.74 21.70
C VAL G 12 41.41 4.23 23.11
N ALA G 13 40.37 3.87 23.86
CA ALA G 13 40.54 3.33 25.20
C ALA G 13 39.32 2.48 25.55
N ALA G 14 39.52 1.53 26.47
CA ALA G 14 38.48 0.57 26.78
C ALA G 14 38.44 0.25 28.27
N THR G 15 37.23 -0.06 28.73
CA THR G 15 36.90 -0.56 30.05
C THR G 15 36.05 -1.82 29.87
N PRO G 16 36.13 -2.79 30.80
CA PRO G 16 35.34 -4.02 30.66
C PRO G 16 33.89 -3.82 30.23
N THR G 17 33.29 -2.68 30.58
CA THR G 17 31.90 -2.40 30.22
C THR G 17 31.71 -1.12 29.41
N SER G 18 32.78 -0.41 29.05
CA SER G 18 32.62 0.83 28.32
C SER G 18 33.78 1.03 27.36
N LEU G 19 33.56 1.91 26.37
CA LEU G 19 34.54 2.21 25.35
C LEU G 19 34.57 3.72 25.08
N LEU G 20 35.72 4.20 24.64
CA LEU G 20 35.86 5.57 24.15
C LEU G 20 36.31 5.50 22.70
N ILE G 21 35.43 5.89 21.78
CA ILE G 21 35.72 5.83 20.37
C ILE G 21 36.08 7.22 19.87
N SER G 22 36.83 7.27 18.77
CA SER G 22 37.24 8.51 18.14
C SER G 22 37.22 8.33 16.64
N TRP G 23 36.83 9.38 15.92
CA TRP G 23 36.76 9.32 14.47
C TRP G 23 37.35 10.59 13.87
N ASP G 24 37.72 10.48 12.59
CA ASP G 24 38.34 11.59 11.87
C ASP G 24 37.28 12.61 11.47
N ALA G 25 37.51 13.87 11.84
CA ALA G 25 36.58 14.93 11.49
C ALA G 25 36.66 15.25 10.00
N TYR G 26 35.50 15.42 9.38
CA TYR G 26 35.42 15.66 7.95
C TYR G 26 35.35 17.16 7.67
N TYR G 27 35.83 17.53 6.48
CA TYR G 27 35.87 18.95 6.12
C TYR G 27 34.47 19.52 5.96
N ASP G 28 33.54 18.72 5.44
CA ASP G 28 32.20 19.20 5.16
C ASP G 28 31.38 19.26 6.45
N GLU G 29 30.42 20.18 6.48
CA GLU G 29 29.62 20.40 7.68
C GLU G 29 28.76 19.17 7.96
N VAL G 30 28.94 18.59 9.14
CA VAL G 30 28.11 17.48 9.62
C VAL G 30 27.09 18.05 10.59
N MET G 31 25.80 17.85 10.30
CA MET G 31 24.77 18.31 11.21
C MET G 31 24.82 17.55 12.52
N TYR G 32 24.95 16.23 12.45
CA TYR G 32 25.10 15.40 13.63
C TYR G 32 25.63 14.03 13.21
N TYR G 33 26.21 13.33 14.17
CA TYR G 33 26.62 11.94 13.99
C TYR G 33 25.63 11.03 14.70
N ARG G 34 25.41 9.85 14.12
CA ARG G 34 24.60 8.81 14.73
C ARG G 34 25.49 7.59 14.95
N ILE G 35 25.61 7.15 16.19
CA ILE G 35 26.45 6.02 16.57
C ILE G 35 25.55 4.86 16.93
N THR G 36 25.78 3.72 16.28
CA THR G 36 25.08 2.48 16.60
C THR G 36 26.08 1.44 17.07
N TYR G 37 25.67 0.65 18.05
CA TYR G 37 26.51 -0.42 18.56
C TYR G 37 25.63 -1.59 18.98
N GLY G 38 26.12 -2.80 18.72
CA GLY G 38 25.40 -4.00 19.09
C GLY G 38 26.30 -5.20 19.01
N GLU G 39 25.83 -6.30 19.60
CA GLU G 39 26.61 -7.53 19.61
C GLU G 39 26.83 -8.03 18.19
N THR G 40 28.08 -8.38 17.89
CA THR G 40 28.46 -8.85 16.56
C THR G 40 27.78 -10.18 16.23
N PRO G 45 19.91 -6.66 17.55
CA PRO G 45 19.39 -5.39 18.05
C PRO G 45 20.47 -4.42 18.48
N VAL G 46 20.66 -3.34 17.71
CA VAL G 46 21.67 -2.34 18.00
C VAL G 46 20.99 -1.17 18.72
N GLN G 47 21.77 -0.48 19.56
CA GLN G 47 21.30 0.72 20.24
C GLN G 47 21.87 1.95 19.56
N GLU G 48 21.20 3.08 19.79
CA GLU G 48 21.44 4.30 19.03
C GLU G 48 21.57 5.50 19.94
N PHE G 49 22.42 6.44 19.54
CA PHE G 49 22.48 7.76 20.16
C PHE G 49 23.18 8.70 19.18
N THR G 50 23.04 9.99 19.43
CA THR G 50 23.56 11.01 18.53
C THR G 50 24.45 11.98 19.29
N VAL G 51 25.42 12.54 18.57
CA VAL G 51 26.31 13.57 19.09
C VAL G 51 26.34 14.71 18.09
N PRO G 52 26.63 15.93 18.56
CA PRO G 52 26.73 17.07 17.65
C PRO G 52 27.79 16.86 16.57
N GLY G 53 27.63 17.58 15.46
CA GLY G 53 28.56 17.47 14.36
C GLY G 53 29.96 17.98 14.66
N SER G 54 30.10 18.80 15.69
CA SER G 54 31.42 19.30 16.09
C SER G 54 32.18 18.32 16.96
N SER G 55 31.56 17.23 17.37
CA SER G 55 32.21 16.24 18.21
C SER G 55 32.98 15.23 17.36
N SER G 56 34.10 14.77 17.89
CA SER G 56 34.92 13.74 17.24
C SER G 56 35.10 12.48 18.08
N THR G 57 34.82 12.54 19.38
CA THR G 57 34.90 11.37 20.25
C THR G 57 33.52 11.08 20.84
N ALA G 58 33.39 9.87 21.38
CA ALA G 58 32.13 9.45 21.98
C ALA G 58 32.41 8.35 22.98
N THR G 59 31.58 8.30 24.02
CA THR G 59 31.65 7.27 25.04
C THR G 59 30.50 6.29 24.86
N ILE G 60 30.83 5.00 24.81
CA ILE G 60 29.86 3.93 24.76
C ILE G 60 30.00 3.11 26.03
N SER G 61 28.96 3.07 26.84
CA SER G 61 28.98 2.39 28.13
C SER G 61 27.87 1.35 28.19
N GLY G 62 27.83 0.63 29.31
CA GLY G 62 26.82 -0.40 29.50
C GLY G 62 27.03 -1.66 28.69
N LEU G 63 28.26 -1.95 28.29
CA LEU G 63 28.55 -3.12 27.49
C LEU G 63 28.79 -4.34 28.38
N LYS G 64 28.69 -5.51 27.76
CA LYS G 64 28.98 -6.76 28.46
C LYS G 64 30.45 -7.11 28.30
N PRO G 65 31.16 -7.42 29.39
CA PRO G 65 32.58 -7.75 29.27
C PRO G 65 32.80 -9.03 28.48
N GLY G 66 33.87 -9.03 27.67
CA GLY G 66 34.21 -10.19 26.87
C GLY G 66 33.31 -10.44 25.68
N VAL G 67 32.48 -9.48 25.30
CA VAL G 67 31.55 -9.63 24.19
C VAL G 67 31.98 -8.72 23.05
N ASP G 68 31.97 -9.26 21.84
CA ASP G 68 32.39 -8.49 20.67
C ASP G 68 31.25 -7.61 20.19
N TYR G 69 31.56 -6.35 19.91
CA TYR G 69 30.57 -5.37 19.48
C TYR G 69 30.96 -4.77 18.14
N THR G 70 29.96 -4.35 17.38
CA THR G 70 30.14 -3.67 16.10
C THR G 70 29.73 -2.22 16.27
N ILE G 71 30.70 -1.31 16.15
CA ILE G 71 30.47 0.12 16.30
C ILE G 71 30.36 0.75 14.92
N THR G 72 29.28 1.50 14.69
CA THR G 72 29.06 2.16 13.41
C THR G 72 28.77 3.64 13.64
N VAL G 73 29.38 4.50 12.84
CA VAL G 73 29.20 5.95 12.93
C VAL G 73 28.65 6.43 11.60
N TYR G 74 27.52 7.12 11.65
CA TYR G 74 26.90 7.74 10.48
C TYR G 74 27.11 9.25 10.55
N ALA G 75 27.52 9.85 9.44
CA ALA G 75 27.73 11.29 9.35
C ALA G 75 26.59 11.89 8.52
N TYR G 76 25.70 12.62 9.18
CA TYR G 76 24.54 13.21 8.52
C TYR G 76 24.89 14.63 8.05
N TYR G 77 24.96 14.81 6.74
CA TYR G 77 25.14 16.14 6.18
C TYR G 77 23.87 16.97 6.26
N ASP G 78 22.72 16.33 6.42
CA ASP G 78 21.44 17.02 6.53
C ASP G 78 20.47 16.05 7.19
N SER G 79 19.19 16.46 7.27
CA SER G 79 18.18 15.62 7.93
C SER G 79 17.75 14.43 7.09
N TYR G 80 17.94 14.49 5.77
CA TYR G 80 17.39 13.49 4.86
C TYR G 80 18.40 12.42 4.45
N GLY G 81 19.68 12.58 4.77
CA GLY G 81 20.66 11.64 4.28
C GLY G 81 21.98 11.73 5.02
N HIS G 82 22.74 10.64 4.91
CA HIS G 82 24.07 10.54 5.49
C HIS G 82 25.01 9.94 4.46
N TRP G 83 26.31 10.17 4.67
CA TRP G 83 27.31 9.56 3.82
C TRP G 83 27.46 8.08 4.16
N SER G 84 28.33 7.39 3.43
CA SER G 84 28.58 5.98 3.69
C SER G 84 29.17 5.82 5.10
N PRO G 85 28.60 4.97 5.94
CA PRO G 85 29.07 4.86 7.33
C PRO G 85 30.38 4.09 7.43
N ILE G 86 30.99 4.18 8.60
CA ILE G 86 32.23 3.49 8.93
C ILE G 86 31.96 2.57 10.12
N SER G 87 32.50 1.36 10.07
CA SER G 87 32.25 0.37 11.10
C SER G 87 33.55 -0.28 11.55
N ILE G 88 33.64 -0.58 12.85
CA ILE G 88 34.75 -1.33 13.41
C ILE G 88 34.18 -2.37 14.39
N ASN G 89 35.01 -3.36 14.71
CA ASN G 89 34.68 -4.38 15.69
C ASN G 89 35.65 -4.28 16.86
N TYR G 90 35.13 -4.47 18.07
CA TYR G 90 35.97 -4.43 19.26
C TYR G 90 35.39 -5.35 20.32
N ARG G 91 36.28 -6.07 21.00
CA ARG G 91 35.90 -6.97 22.09
C ARG G 91 36.34 -6.35 23.40
N THR G 92 35.40 -6.18 24.32
CA THR G 92 35.69 -5.59 25.62
C THR G 92 36.54 -6.50 26.49
N SER H 1 -17.66 -10.06 -32.34
CA SER H 1 -18.49 -11.20 -32.00
C SER H 1 -19.40 -10.88 -30.81
N VAL H 2 -19.39 -11.75 -29.81
CA VAL H 2 -20.17 -11.51 -28.60
C VAL H 2 -19.46 -10.45 -27.75
N SER H 3 -20.22 -9.47 -27.28
CA SER H 3 -19.63 -8.39 -26.49
C SER H 3 -20.06 -8.50 -25.04
N SER H 4 -21.32 -8.15 -24.77
CA SER H 4 -21.86 -8.17 -23.42
C SER H 4 -22.67 -9.45 -23.19
N VAL H 5 -22.76 -9.83 -21.92
CA VAL H 5 -23.61 -10.94 -21.50
C VAL H 5 -24.47 -10.41 -20.36
N PRO H 6 -25.81 -10.41 -20.48
CA PRO H 6 -26.61 -10.87 -21.62
C PRO H 6 -26.42 -10.07 -22.90
N THR H 7 -26.79 -10.65 -24.04
CA THR H 7 -26.55 -10.01 -25.33
C THR H 7 -27.59 -8.93 -25.64
N LYS H 8 -28.82 -9.10 -25.18
CA LYS H 8 -29.89 -8.15 -25.44
C LYS H 8 -30.60 -7.84 -24.13
N LEU H 9 -30.98 -6.57 -23.96
CA LEU H 9 -31.72 -6.12 -22.79
C LEU H 9 -32.78 -5.13 -23.25
N GLU H 10 -34.03 -5.35 -22.82
CA GLU H 10 -35.13 -4.52 -23.28
C GLU H 10 -36.19 -4.41 -22.19
N VAL H 11 -36.86 -3.27 -22.16
CA VAL H 11 -38.04 -3.08 -21.32
C VAL H 11 -39.26 -3.49 -22.14
N VAL H 12 -39.85 -4.63 -21.81
CA VAL H 12 -40.96 -5.15 -22.60
C VAL H 12 -42.28 -4.50 -22.23
N ALA H 13 -42.41 -3.97 -21.02
CA ALA H 13 -43.65 -3.34 -20.58
C ALA H 13 -43.32 -2.40 -19.43
N ALA H 14 -44.15 -1.38 -19.27
CA ALA H 14 -43.86 -0.32 -18.32
C ALA H 14 -45.13 0.15 -17.63
N THR H 15 -44.93 0.75 -16.46
CA THR H 15 -45.93 1.37 -15.62
C THR H 15 -45.33 2.65 -15.08
N PRO H 16 -46.13 3.71 -14.87
CA PRO H 16 -45.59 4.97 -14.33
C PRO H 16 -44.60 4.82 -13.18
N THR H 17 -44.70 3.73 -12.41
CA THR H 17 -43.82 3.52 -11.27
C THR H 17 -43.03 2.22 -11.32
N SER H 18 -43.17 1.41 -12.37
CA SER H 18 -42.51 0.12 -12.40
C SER H 18 -42.18 -0.26 -13.85
N LEU H 19 -41.30 -1.25 -13.98
CA LEU H 19 -40.85 -1.73 -15.28
C LEU H 19 -40.74 -3.24 -15.27
N LEU H 20 -40.91 -3.85 -16.45
CA LEU H 20 -40.66 -5.26 -16.66
C LEU H 20 -39.55 -5.39 -17.70
N ILE H 21 -38.40 -5.91 -17.28
CA ILE H 21 -37.26 -6.06 -18.16
C ILE H 21 -37.08 -7.53 -18.50
N SER H 22 -36.45 -7.78 -19.64
CA SER H 22 -36.16 -9.13 -20.08
C SER H 22 -34.86 -9.13 -20.88
N TRP H 23 -34.13 -10.24 -20.80
CA TRP H 23 -32.87 -10.36 -21.49
C TRP H 23 -32.75 -11.77 -22.08
N ASP H 24 -31.88 -11.90 -23.07
CA ASP H 24 -31.64 -13.19 -23.70
C ASP H 24 -30.76 -14.06 -22.81
N ALA H 25 -31.17 -15.31 -22.62
CA ALA H 25 -30.38 -16.24 -21.82
C ALA H 25 -29.15 -16.67 -22.60
N TYR H 26 -28.00 -16.67 -21.94
CA TYR H 26 -26.73 -17.02 -22.56
C TYR H 26 -26.52 -18.53 -22.48
N TYR H 27 -25.80 -19.05 -23.49
CA TYR H 27 -25.57 -20.50 -23.55
C TYR H 27 -24.83 -21.00 -22.32
N ASP H 28 -23.93 -20.21 -21.77
CA ASP H 28 -23.06 -20.65 -20.69
C ASP H 28 -23.82 -20.67 -19.37
N GLU H 29 -23.21 -21.29 -18.37
CA GLU H 29 -23.82 -21.38 -17.05
C GLU H 29 -23.67 -20.05 -16.31
N VAL H 30 -24.79 -19.44 -15.96
CA VAL H 30 -24.82 -18.21 -15.17
C VAL H 30 -25.26 -18.58 -13.76
N MET H 31 -24.39 -18.29 -12.79
CA MET H 31 -24.74 -18.58 -11.40
C MET H 31 -25.86 -17.66 -10.92
N TYR H 32 -25.76 -16.36 -11.20
CA TYR H 32 -26.81 -15.43 -10.86
C TYR H 32 -26.65 -14.16 -11.68
N TYR H 33 -27.76 -13.46 -11.90
CA TYR H 33 -27.75 -12.15 -12.53
C TYR H 33 -27.89 -11.08 -11.47
N ARG H 34 -27.06 -10.04 -11.56
CA ARG H 34 -27.16 -8.88 -10.69
C ARG H 34 -27.68 -7.70 -11.51
N ILE H 35 -28.75 -7.09 -11.03
CA ILE H 35 -29.46 -6.03 -11.75
C ILE H 35 -29.37 -4.76 -10.93
N THR H 36 -28.87 -3.69 -11.54
CA THR H 36 -28.79 -2.39 -10.91
C THR H 36 -29.62 -1.38 -11.69
N TYR H 37 -30.32 -0.51 -10.97
CA TYR H 37 -31.11 0.53 -11.59
C TYR H 37 -31.06 1.79 -10.74
N GLY H 38 -31.04 2.93 -11.40
CA GLY H 38 -30.98 4.21 -10.70
C GLY H 38 -31.18 5.36 -11.67
N GLU H 39 -31.25 6.55 -11.11
CA GLU H 39 -31.43 7.76 -11.91
C GLU H 39 -30.21 7.99 -12.79
N THR H 40 -30.44 8.30 -14.06
CA THR H 40 -29.35 8.52 -15.01
C THR H 40 -28.57 9.78 -14.66
N VAL H 46 -27.45 3.93 -6.19
CA VAL H 46 -28.09 3.00 -7.10
C VAL H 46 -28.68 1.84 -6.32
N GLN H 47 -29.79 1.29 -6.82
CA GLN H 47 -30.44 0.14 -6.22
C GLN H 47 -30.06 -1.12 -6.97
N GLU H 48 -29.85 -2.21 -6.23
CA GLU H 48 -29.45 -3.46 -6.86
C GLU H 48 -30.17 -4.63 -6.20
N PHE H 49 -30.39 -5.67 -7.00
CA PHE H 49 -30.97 -6.92 -6.52
C PHE H 49 -30.47 -8.05 -7.42
N THR H 50 -30.87 -9.27 -7.09
CA THR H 50 -30.35 -10.44 -7.79
C THR H 50 -31.48 -11.42 -8.11
N VAL H 51 -31.39 -12.02 -9.29
CA VAL H 51 -32.27 -13.12 -9.69
C VAL H 51 -31.40 -14.33 -9.99
N PRO H 52 -31.92 -15.55 -9.88
CA PRO H 52 -31.11 -16.72 -10.19
C PRO H 52 -30.76 -16.78 -11.67
N GLY H 53 -29.73 -17.57 -11.98
CA GLY H 53 -29.22 -17.66 -13.34
C GLY H 53 -30.20 -18.21 -14.34
N SER H 54 -31.24 -18.92 -13.90
CA SER H 54 -32.23 -19.48 -14.80
C SER H 54 -33.29 -18.46 -15.20
N SER H 55 -33.28 -17.27 -14.62
CA SER H 55 -34.28 -16.25 -14.93
C SER H 55 -33.85 -15.42 -16.13
N SER H 56 -34.84 -15.02 -16.93
CA SER H 56 -34.62 -14.15 -18.08
C SER H 56 -35.43 -12.86 -18.01
N THR H 57 -36.26 -12.70 -16.98
CA THR H 57 -37.04 -11.49 -16.79
C THR H 57 -36.88 -11.01 -15.34
N ALA H 58 -37.30 -9.78 -15.10
CA ALA H 58 -37.25 -9.22 -13.75
C ALA H 58 -38.20 -8.04 -13.66
N THR H 59 -38.73 -7.83 -12.47
CA THR H 59 -39.59 -6.69 -12.19
C THR H 59 -38.81 -5.63 -11.43
N ILE H 60 -38.86 -4.40 -11.92
CA ILE H 60 -38.28 -3.24 -11.25
C ILE H 60 -39.44 -2.30 -10.92
N SER H 61 -39.65 -2.06 -9.63
CA SER H 61 -40.76 -1.25 -9.15
C SER H 61 -40.22 -0.14 -8.25
N GLY H 62 -41.13 0.67 -7.73
CA GLY H 62 -40.76 1.78 -6.88
C GLY H 62 -40.14 2.96 -7.58
N LEU H 63 -40.38 3.11 -8.89
CA LEU H 63 -39.80 4.19 -9.66
C LEU H 63 -40.71 5.41 -9.64
N LYS H 64 -40.16 6.55 -10.06
CA LYS H 64 -40.93 7.77 -10.15
C LYS H 64 -41.30 8.07 -11.61
N PRO H 65 -42.53 8.50 -11.87
CA PRO H 65 -42.95 8.75 -13.25
C PRO H 65 -42.20 9.93 -13.86
N GLY H 66 -42.00 9.85 -15.17
CA GLY H 66 -41.29 10.89 -15.89
C GLY H 66 -39.80 10.96 -15.64
N VAL H 67 -39.23 9.95 -14.99
CA VAL H 67 -37.82 9.94 -14.63
C VAL H 67 -37.10 8.90 -15.49
N ASP H 68 -35.93 9.29 -16.00
CA ASP H 68 -35.14 8.41 -16.86
C ASP H 68 -34.20 7.58 -16.00
N TYR H 69 -34.23 6.26 -16.18
CA TYR H 69 -33.44 5.33 -15.40
C TYR H 69 -32.49 4.57 -16.30
N THR H 70 -31.38 4.11 -15.71
CA THR H 70 -30.40 3.28 -16.39
C THR H 70 -30.44 1.89 -15.77
N ILE H 71 -30.78 0.88 -16.57
CA ILE H 71 -30.89 -0.50 -16.12
C ILE H 71 -29.66 -1.26 -16.59
N THR H 72 -28.94 -1.85 -15.65
CA THR H 72 -27.73 -2.62 -15.96
C THR H 72 -27.88 -4.04 -15.42
N VAL H 73 -27.56 -5.02 -16.24
CA VAL H 73 -27.66 -6.43 -15.88
C VAL H 73 -26.27 -7.05 -15.97
N TYR H 74 -25.83 -7.66 -14.87
CA TYR H 74 -24.55 -8.36 -14.80
C TYR H 74 -24.80 -9.86 -14.79
N ALA H 75 -24.01 -10.59 -15.59
CA ALA H 75 -24.11 -12.04 -15.67
C ALA H 75 -22.88 -12.64 -15.00
N TYR H 76 -23.08 -13.23 -13.82
CA TYR H 76 -21.99 -13.82 -13.05
C TYR H 76 -21.85 -15.30 -13.42
N TYR H 77 -20.72 -15.64 -14.05
CA TYR H 77 -20.39 -17.03 -14.31
C TYR H 77 -19.89 -17.75 -13.06
N ASP H 78 -19.42 -17.01 -12.07
CA ASP H 78 -18.96 -17.56 -10.81
C ASP H 78 -18.98 -16.44 -9.78
N SER H 79 -18.56 -16.76 -8.55
CA SER H 79 -18.61 -15.78 -7.49
C SER H 79 -17.60 -14.65 -7.66
N TYR H 80 -16.52 -14.89 -8.41
CA TYR H 80 -15.40 -13.97 -8.46
C TYR H 80 -15.43 -13.03 -9.66
N GLY H 81 -16.30 -13.25 -10.63
CA GLY H 81 -16.27 -12.43 -11.83
C GLY H 81 -17.56 -12.50 -12.62
N HIS H 82 -17.72 -11.51 -13.50
CA HIS H 82 -18.87 -11.42 -14.38
C HIS H 82 -18.41 -10.98 -15.76
N TRP H 83 -19.21 -11.32 -16.76
CA TRP H 83 -18.93 -10.86 -18.12
C TRP H 83 -19.24 -9.36 -18.24
N SER H 84 -18.98 -8.81 -19.42
CA SER H 84 -19.25 -7.40 -19.64
C SER H 84 -20.75 -7.14 -19.51
N PRO H 85 -21.15 -6.17 -18.69
CA PRO H 85 -22.59 -5.93 -18.48
C PRO H 85 -23.22 -5.24 -19.68
N ILE H 86 -24.54 -5.25 -19.69
CA ILE H 86 -25.35 -4.57 -20.71
C ILE H 86 -26.26 -3.57 -20.02
N SER H 87 -26.38 -2.38 -20.60
CA SER H 87 -27.15 -1.30 -20.00
C SER H 87 -28.11 -0.71 -21.03
N ILE H 88 -29.27 -0.28 -20.54
CA ILE H 88 -30.26 0.44 -21.34
C ILE H 88 -30.80 1.60 -20.53
N ASN H 89 -31.42 2.55 -21.23
CA ASN H 89 -32.05 3.70 -20.61
C ASN H 89 -33.55 3.67 -20.92
N TYR H 90 -34.36 4.03 -19.94
CA TYR H 90 -35.80 4.06 -20.12
C TYR H 90 -36.40 5.10 -19.17
N ARG H 91 -37.33 5.89 -19.70
CA ARG H 91 -38.06 6.89 -18.92
C ARG H 91 -39.48 6.41 -18.74
N THR H 92 -39.93 6.35 -17.48
CA THR H 92 -41.28 5.89 -17.17
C THR H 92 -42.31 6.94 -17.54
NA NA I . -5.18 -22.60 -2.82
F F J . -12.92 -16.29 1.91
F F K . -4.48 -13.61 -3.89
F F L . 0.63 -14.54 2.02
F F M . -7.46 -20.68 5.42
NA NA N . 8.31 22.23 -2.38
F F O . 1.74 21.58 3.83
F F P . 8.22 13.27 -2.48
F F Q . 7.26 17.16 7.34
F F R . 0.77 14.44 -4.46
#